data_3UJO
#
_entry.id   3UJO
#
_cell.length_a   89.780
_cell.length_b   89.780
_cell.length_c   123.890
_cell.angle_alpha   90.00
_cell.angle_beta   90.00
_cell.angle_gamma   120.00
#
_symmetry.space_group_name_H-M   'P 32'
#
loop_
_entity.id
_entity.type
_entity.pdbx_description
1 polymer 'Legume lectin'
2 non-polymer ADENINE
3 non-polymer beta-D-galactopyranose
4 non-polymer 'MANGANESE (II) ION'
5 non-polymer 'CALCIUM ION'
6 non-polymer 1,2-ETHANEDIOL
7 non-polymer DI(HYDROXYETHYL)ETHER
8 water water
#
_entity_poly.entity_id   1
_entity_poly.type   'polypeptide(L)'
_entity_poly.pdbx_seq_one_letter_code
;NNLISFTMKRIVLFLILLTKAASANLISFTFKKFNETNLILQRDATVSSGKLRITKAAENGVPTAGSLGRAFYSTPIQIW
DNTTGTVASWATSFTFNLQAPNAASPADGLAFALVPVGSQPKDKGGFLGLFDSKNYASSNQTVAVEFDTFYNGGWDPTER
HIGIDVNSIKSIKTTSWDFANGENAEVLITYDSSTNLLVASLVHPSQKTSFIVSERVDLTSVLPEWVSVGFSATTGLSKG
YVETNEVLSWSFASKLSINKEDEENKLAIFNLEGKAINNLA
;
_entity_poly.pdbx_strand_id   A,B,C,D
#
loop_
_chem_comp.id
_chem_comp.type
_chem_comp.name
_chem_comp.formula
ADE non-polymer ADENINE 'C5 H5 N5'
CA non-polymer 'CALCIUM ION' 'Ca 2'
EDO non-polymer 1,2-ETHANEDIOL 'C2 H6 O2'
GAL D-saccharide, beta linking beta-D-galactopyranose 'C6 H12 O6'
MN non-polymer 'MANGANESE (II) ION' 'Mn 2'
PEG non-polymer DI(HYDROXYETHYL)ETHER 'C4 H10 O3'
#
# COMPACT_ATOMS: atom_id res chain seq x y z
N ALA A 24 9.89 -7.84 -6.16
CA ALA A 24 8.66 -8.64 -5.94
C ALA A 24 7.51 -8.17 -6.83
N ASN A 25 7.01 -9.08 -7.67
CA ASN A 25 5.89 -8.80 -8.56
C ASN A 25 4.60 -8.71 -7.77
N LEU A 26 3.93 -7.57 -7.86
CA LEU A 26 2.70 -7.34 -7.11
C LEU A 26 1.47 -7.24 -8.01
N ILE A 27 0.33 -7.65 -7.45
CA ILE A 27 -0.98 -7.48 -8.09
C ILE A 27 -2.04 -7.34 -7.00
N SER A 28 -2.97 -6.41 -7.20
CA SER A 28 -4.01 -6.14 -6.21
C SER A 28 -5.21 -5.40 -6.81
N PHE A 29 -6.35 -5.44 -6.12
CA PHE A 29 -7.54 -4.67 -6.49
C PHE A 29 -8.56 -4.65 -5.35
N THR A 30 -9.39 -3.62 -5.32
CA THR A 30 -10.45 -3.51 -4.32
C THR A 30 -11.78 -3.10 -4.93
N PHE A 31 -12.71 -4.05 -4.98
CA PHE A 31 -14.08 -3.79 -5.42
C PHE A 31 -14.96 -3.42 -4.24
N LYS A 32 -15.70 -2.32 -4.40
CA LYS A 32 -16.78 -1.97 -3.50
C LYS A 32 -18.06 -1.78 -4.30
N LYS A 33 -17.90 -1.69 -5.62
CA LYS A 33 -18.99 -1.64 -6.59
C LYS A 33 -18.55 -2.41 -7.84
N PHE A 34 -19.19 -3.54 -8.10
CA PHE A 34 -18.77 -4.47 -9.16
C PHE A 34 -19.08 -4.01 -10.58
N ASN A 35 -18.32 -4.54 -11.54
CA ASN A 35 -18.53 -4.28 -12.96
C ASN A 35 -18.27 -5.51 -13.82
N GLU A 36 -19.07 -5.68 -14.87
CA GLU A 36 -18.90 -6.80 -15.80
C GLU A 36 -17.63 -6.66 -16.64
N THR A 37 -17.26 -5.41 -16.93
CA THR A 37 -16.11 -5.11 -17.80
C THR A 37 -14.78 -5.68 -17.28
N ASN A 38 -14.65 -5.79 -15.96
CA ASN A 38 -13.45 -6.39 -15.37
C ASN A 38 -13.67 -7.75 -14.70
N LEU A 39 -14.72 -8.46 -15.14
CA LEU A 39 -15.01 -9.81 -14.67
C LEU A 39 -15.24 -10.79 -15.82
N ILE A 40 -14.81 -12.03 -15.62
CA ILE A 40 -15.07 -13.11 -16.58
C ILE A 40 -16.19 -14.00 -16.05
N LEU A 41 -16.98 -14.54 -16.98
CA LEU A 41 -18.05 -15.48 -16.66
C LEU A 41 -17.71 -16.86 -17.25
N GLN A 42 -18.09 -17.92 -16.55
CA GLN A 42 -17.95 -19.29 -17.04
C GLN A 42 -19.19 -20.12 -16.71
N ARG A 43 -19.74 -20.77 -17.73
CA ARG A 43 -20.92 -21.64 -17.61
C ARG A 43 -22.25 -20.92 -17.30
N ASP A 44 -22.48 -20.58 -16.04
CA ASP A 44 -23.79 -20.02 -15.62
C ASP A 44 -23.71 -18.77 -14.74
N ALA A 45 -22.65 -17.98 -14.91
CA ALA A 45 -22.48 -16.73 -14.14
C ALA A 45 -23.29 -15.57 -14.71
N THR A 46 -23.44 -14.52 -13.90
CA THR A 46 -24.13 -13.27 -14.29
C THR A 46 -23.71 -12.09 -13.42
N VAL A 47 -23.46 -10.94 -14.05
CA VAL A 47 -22.99 -9.74 -13.34
C VAL A 47 -23.87 -8.52 -13.66
N SER A 48 -24.64 -8.07 -12.67
CA SER A 48 -25.50 -6.88 -12.81
C SER A 48 -26.05 -6.36 -11.46
N SER A 49 -26.55 -5.13 -11.49
CA SER A 49 -27.30 -4.49 -10.38
C SER A 49 -26.55 -4.34 -9.05
N GLY A 50 -25.42 -3.64 -9.10
CA GLY A 50 -24.70 -3.21 -7.90
C GLY A 50 -24.09 -4.28 -7.01
N LYS A 51 -24.38 -5.54 -7.33
CA LYS A 51 -23.87 -6.68 -6.56
C LYS A 51 -23.50 -7.85 -7.47
N LEU A 52 -22.73 -8.80 -6.94
CA LEU A 52 -22.31 -9.97 -7.68
C LEU A 52 -23.21 -11.18 -7.36
N ARG A 53 -24.30 -11.30 -8.12
CA ARG A 53 -25.19 -12.46 -8.01
C ARG A 53 -24.65 -13.58 -8.89
N ILE A 54 -23.99 -14.56 -8.28
CA ILE A 54 -23.30 -15.61 -9.02
C ILE A 54 -24.26 -16.64 -9.62
N THR A 55 -25.39 -16.86 -8.96
CA THR A 55 -26.42 -17.77 -9.45
C THR A 55 -27.50 -16.99 -10.22
N LYS A 56 -27.87 -17.51 -11.39
CA LYS A 56 -28.91 -16.92 -12.24
C LYS A 56 -30.21 -16.74 -11.46
N ALA A 57 -30.34 -15.58 -10.81
CA ALA A 57 -31.48 -15.31 -9.94
C ALA A 57 -32.64 -14.68 -10.70
N ALA A 58 -33.82 -15.26 -10.53
CA ALA A 58 -35.05 -14.74 -11.12
C ALA A 58 -35.47 -13.44 -10.44
N GLU A 59 -36.43 -12.75 -11.04
CA GLU A 59 -36.91 -11.45 -10.52
C GLU A 59 -37.55 -11.57 -9.14
N ASN A 60 -38.27 -12.66 -8.91
CA ASN A 60 -38.93 -12.92 -7.63
C ASN A 60 -37.93 -13.20 -6.51
N GLY A 61 -36.77 -13.72 -6.88
CA GLY A 61 -35.74 -14.11 -5.92
C GLY A 61 -35.74 -15.63 -5.75
N VAL A 62 -35.69 -16.34 -6.87
CA VAL A 62 -35.77 -17.80 -6.88
C VAL A 62 -34.44 -18.44 -7.24
N PRO A 63 -33.87 -19.24 -6.31
CA PRO A 63 -32.67 -20.01 -6.62
C PRO A 63 -33.00 -21.22 -7.49
N THR A 64 -32.29 -21.34 -8.61
CA THR A 64 -32.54 -22.41 -9.58
C THR A 64 -31.53 -23.55 -9.43
N ALA A 65 -32.04 -24.77 -9.32
CA ALA A 65 -31.21 -25.96 -9.18
C ALA A 65 -30.64 -26.41 -10.52
N GLY A 66 -29.47 -27.02 -10.49
CA GLY A 66 -28.77 -27.44 -11.70
C GLY A 66 -28.05 -26.29 -12.37
N SER A 67 -27.27 -25.56 -11.57
CA SER A 67 -26.54 -24.39 -12.04
C SER A 67 -25.05 -24.51 -11.79
N LEU A 68 -24.29 -23.50 -12.23
CA LEU A 68 -22.83 -23.44 -12.00
C LEU A 68 -22.31 -22.03 -12.28
N GLY A 69 -22.35 -21.17 -11.26
CA GLY A 69 -21.85 -19.81 -11.37
C GLY A 69 -20.34 -19.74 -11.24
N ARG A 70 -19.70 -18.90 -12.07
CA ARG A 70 -18.25 -18.75 -12.06
C ARG A 70 -17.82 -17.32 -12.45
N ALA A 71 -17.54 -16.49 -11.44
CA ALA A 71 -17.07 -15.13 -11.67
C ALA A 71 -15.59 -14.99 -11.30
N PHE A 72 -14.80 -14.46 -12.24
CA PHE A 72 -13.35 -14.34 -12.07
C PHE A 72 -12.79 -13.02 -12.58
N TYR A 73 -11.70 -12.57 -11.95
CA TYR A 73 -10.97 -11.38 -12.39
C TYR A 73 -10.25 -11.68 -13.71
N SER A 74 -10.11 -10.68 -14.56
CA SER A 74 -9.60 -10.87 -15.93
C SER A 74 -8.13 -11.25 -16.03
N THR A 75 -7.32 -10.80 -15.06
CA THR A 75 -5.89 -11.13 -15.06
C THR A 75 -5.63 -12.43 -14.33
N PRO A 76 -4.90 -13.36 -14.98
CA PRO A 76 -4.42 -14.55 -14.29
C PRO A 76 -3.41 -14.16 -13.22
N ILE A 77 -3.43 -14.88 -12.09
CA ILE A 77 -2.55 -14.57 -10.97
C ILE A 77 -1.53 -15.69 -10.77
N GLN A 78 -0.25 -15.30 -10.77
CA GLN A 78 0.87 -16.25 -10.64
C GLN A 78 0.99 -16.81 -9.23
N ILE A 79 1.05 -18.13 -9.13
CA ILE A 79 1.17 -18.83 -7.84
C ILE A 79 2.62 -19.13 -7.49
N TRP A 80 3.34 -19.74 -8.43
CA TRP A 80 4.75 -20.06 -8.24
C TRP A 80 5.56 -19.89 -9.52
N ASP A 81 6.80 -19.44 -9.37
CA ASP A 81 7.70 -19.21 -10.48
C ASP A 81 8.55 -20.44 -10.80
N ASN A 82 8.93 -20.58 -12.06
CA ASN A 82 9.78 -21.68 -12.52
C ASN A 82 11.26 -21.28 -12.53
N THR A 83 11.52 -20.06 -13.00
CA THR A 83 12.89 -19.56 -13.19
C THR A 83 13.65 -19.31 -11.88
N THR A 84 12.92 -18.99 -10.82
CA THR A 84 13.52 -18.78 -9.49
C THR A 84 13.08 -19.85 -8.48
N GLY A 85 11.87 -20.37 -8.67
CA GLY A 85 11.32 -21.37 -7.77
C GLY A 85 10.78 -20.78 -6.48
N THR A 86 10.13 -19.62 -6.58
CA THR A 86 9.57 -18.94 -5.42
C THR A 86 8.04 -18.90 -5.44
N VAL A 87 7.44 -19.22 -4.31
CA VAL A 87 5.99 -19.29 -4.16
C VAL A 87 5.42 -17.91 -3.83
N ALA A 88 4.21 -17.63 -4.31
CA ALA A 88 3.55 -16.36 -4.05
C ALA A 88 2.61 -16.42 -2.86
N SER A 89 2.70 -15.41 -2.01
CA SER A 89 1.77 -15.24 -0.88
C SER A 89 0.66 -14.28 -1.30
N TRP A 90 -0.57 -14.67 -1.03
CA TRP A 90 -1.72 -13.84 -1.40
C TRP A 90 -2.72 -13.63 -0.26
N ALA A 91 -3.63 -12.69 -0.47
CA ALA A 91 -4.66 -12.36 0.51
C ALA A 91 -5.93 -11.90 -0.20
N THR A 92 -7.08 -12.20 0.41
CA THR A 92 -8.37 -11.81 -0.14
C THR A 92 -9.42 -11.56 0.94
N SER A 93 -10.30 -10.59 0.70
CA SER A 93 -11.40 -10.30 1.59
C SER A 93 -12.69 -9.97 0.83
N PHE A 94 -13.78 -10.60 1.23
CA PHE A 94 -15.08 -10.40 0.58
C PHE A 94 -16.25 -10.57 1.54
N THR A 95 -17.38 -9.94 1.20
CA THR A 95 -18.59 -9.98 2.01
C THR A 95 -19.70 -10.74 1.27
N PHE A 96 -20.01 -11.94 1.75
CA PHE A 96 -20.93 -12.84 1.04
C PHE A 96 -22.13 -13.29 1.90
N ASN A 97 -23.20 -13.72 1.23
CA ASN A 97 -24.43 -14.16 1.91
C ASN A 97 -24.98 -15.46 1.33
N LEU A 98 -25.35 -16.38 2.22
CA LEU A 98 -26.00 -17.63 1.83
C LEU A 98 -27.44 -17.64 2.30
N GLN A 99 -28.36 -17.37 1.37
CA GLN A 99 -29.77 -17.22 1.72
C GLN A 99 -30.65 -18.30 1.11
N ALA A 100 -31.36 -19.02 1.98
CA ALA A 100 -32.31 -20.05 1.56
C ALA A 100 -33.68 -19.81 2.22
N PRO A 101 -34.76 -19.85 1.42
CA PRO A 101 -36.13 -19.68 1.92
C PRO A 101 -36.53 -20.78 2.91
N ASN A 102 -36.00 -21.99 2.72
CA ASN A 102 -36.15 -23.09 3.66
C ASN A 102 -34.80 -23.42 4.28
N ALA A 103 -34.71 -23.27 5.60
CA ALA A 103 -33.44 -23.44 6.32
C ALA A 103 -33.04 -24.90 6.50
N ALA A 104 -34.04 -25.78 6.54
CA ALA A 104 -33.81 -27.22 6.76
C ALA A 104 -33.29 -27.95 5.52
N SER A 105 -33.34 -27.28 4.37
CA SER A 105 -32.88 -27.88 3.11
C SER A 105 -31.98 -26.93 2.29
N PRO A 106 -30.70 -26.78 2.69
CA PRO A 106 -29.76 -25.94 1.94
C PRO A 106 -28.73 -26.73 1.12
N ALA A 107 -28.60 -26.37 -0.16
CA ALA A 107 -27.60 -26.97 -1.06
C ALA A 107 -27.32 -26.06 -2.26
N ASP A 108 -26.06 -25.81 -2.59
CA ASP A 108 -24.90 -26.35 -1.86
C ASP A 108 -24.05 -25.23 -1.28
N GLY A 109 -23.80 -24.19 -2.07
CA GLY A 109 -22.96 -23.07 -1.68
C GLY A 109 -21.83 -22.80 -2.65
N LEU A 110 -20.95 -21.87 -2.27
CA LEU A 110 -19.84 -21.47 -3.13
C LEU A 110 -18.46 -21.80 -2.52
N ALA A 111 -17.41 -21.56 -3.30
CA ALA A 111 -16.04 -21.76 -2.86
C ALA A 111 -15.11 -20.80 -3.60
N PHE A 112 -14.28 -20.08 -2.85
CA PHE A 112 -13.32 -19.14 -3.43
C PHE A 112 -12.28 -19.91 -4.25
N ALA A 113 -12.54 -20.02 -5.55
CA ALA A 113 -11.81 -20.92 -6.43
C ALA A 113 -10.57 -20.29 -7.06
N LEU A 114 -9.53 -21.10 -7.20
CA LEU A 114 -8.33 -20.74 -7.94
C LEU A 114 -8.15 -21.74 -9.08
N VAL A 115 -9.03 -21.63 -10.08
CA VAL A 115 -9.08 -22.56 -11.22
C VAL A 115 -8.11 -22.14 -12.32
N PRO A 116 -7.63 -23.11 -13.14
CA PRO A 116 -6.80 -22.76 -14.30
C PRO A 116 -7.57 -21.96 -15.33
N VAL A 117 -6.87 -21.10 -16.06
CA VAL A 117 -7.48 -20.28 -17.11
C VAL A 117 -7.89 -21.14 -18.31
N GLY A 118 -7.03 -22.12 -18.63
CA GLY A 118 -7.30 -23.05 -19.73
C GLY A 118 -7.99 -24.31 -19.25
N SER A 119 -9.06 -24.15 -18.49
CA SER A 119 -9.84 -25.27 -17.97
C SER A 119 -11.30 -24.85 -17.70
N GLN A 120 -12.23 -25.63 -18.23
CA GLN A 120 -13.66 -25.39 -18.06
C GLN A 120 -14.18 -26.05 -16.77
N PRO A 121 -15.29 -25.52 -16.21
CA PRO A 121 -15.92 -26.08 -15.01
C PRO A 121 -16.33 -27.55 -15.17
N LYS A 122 -16.36 -28.27 -14.05
CA LYS A 122 -16.64 -29.70 -14.06
C LYS A 122 -18.04 -30.04 -13.52
N ASP A 123 -18.17 -31.17 -12.83
CA ASP A 123 -19.45 -31.69 -12.35
C ASP A 123 -20.11 -30.79 -11.30
N LYS A 124 -21.44 -30.69 -11.38
CA LYS A 124 -22.24 -29.85 -10.48
C LYS A 124 -22.71 -30.63 -9.26
N GLY A 125 -23.20 -29.91 -8.25
CA GLY A 125 -23.76 -30.53 -7.05
C GLY A 125 -22.76 -30.66 -5.92
N GLY A 126 -22.44 -31.92 -5.58
CA GLY A 126 -21.48 -32.22 -4.52
C GLY A 126 -20.06 -31.84 -4.87
N PHE A 127 -19.73 -31.88 -6.16
CA PHE A 127 -18.40 -31.53 -6.65
C PHE A 127 -18.18 -30.01 -6.73
N LEU A 128 -19.27 -29.26 -6.52
CA LEU A 128 -19.25 -27.79 -6.46
C LEU A 128 -18.75 -27.09 -7.73
N GLY A 129 -18.85 -27.78 -8.87
CA GLY A 129 -18.37 -27.25 -10.14
C GLY A 129 -16.87 -27.01 -10.16
N LEU A 130 -16.12 -28.00 -9.67
CA LEU A 130 -14.66 -27.88 -9.53
C LEU A 130 -13.93 -29.16 -9.93
N PHE A 131 -14.45 -30.31 -9.51
CA PHE A 131 -13.79 -31.61 -9.71
C PHE A 131 -14.69 -32.62 -10.41
N ASP A 132 -14.08 -33.70 -10.92
CA ASP A 132 -14.80 -34.77 -11.59
C ASP A 132 -15.06 -35.96 -10.66
N SER A 133 -14.04 -36.37 -9.91
CA SER A 133 -14.13 -37.51 -9.00
C SER A 133 -13.77 -37.13 -7.57
N LYS A 134 -14.19 -37.96 -6.62
CA LYS A 134 -13.90 -37.75 -5.20
C LYS A 134 -12.46 -38.11 -4.82
N ASN A 135 -11.83 -38.94 -5.64
CA ASN A 135 -10.45 -39.38 -5.41
C ASN A 135 -9.40 -38.29 -5.67
N TYR A 136 -8.26 -38.41 -4.98
CA TYR A 136 -7.16 -37.45 -5.11
C TYR A 136 -6.47 -37.58 -6.47
N ALA A 137 -6.49 -36.49 -7.23
CA ALA A 137 -5.86 -36.45 -8.55
C ALA A 137 -5.30 -35.06 -8.85
N SER A 138 -4.00 -35.01 -9.20
CA SER A 138 -3.31 -33.76 -9.48
C SER A 138 -3.67 -33.16 -10.84
N SER A 139 -4.48 -33.88 -11.62
CA SER A 139 -4.94 -33.41 -12.93
C SER A 139 -6.00 -32.32 -12.81
N ASN A 140 -6.63 -32.22 -11.65
CA ASN A 140 -7.70 -31.25 -11.40
C ASN A 140 -7.19 -29.81 -11.28
N GLN A 141 -6.15 -29.62 -10.46
CA GLN A 141 -5.48 -28.32 -10.27
C GLN A 141 -6.42 -27.22 -9.74
N THR A 142 -7.17 -27.53 -8.69
CA THR A 142 -8.12 -26.58 -8.13
C THR A 142 -8.09 -26.56 -6.60
N VAL A 143 -7.84 -25.38 -6.03
CA VAL A 143 -7.89 -25.18 -4.58
C VAL A 143 -8.94 -24.10 -4.26
N ALA A 144 -9.89 -24.46 -3.40
CA ALA A 144 -11.00 -23.56 -3.07
C ALA A 144 -11.40 -23.62 -1.60
N VAL A 145 -11.85 -22.49 -1.08
CA VAL A 145 -12.33 -22.40 0.31
C VAL A 145 -13.86 -22.46 0.33
N GLU A 146 -14.38 -23.62 0.69
CA GLU A 146 -15.83 -23.89 0.63
C GLU A 146 -16.60 -23.28 1.80
N PHE A 147 -17.88 -23.00 1.55
CA PHE A 147 -18.82 -22.58 2.58
C PHE A 147 -20.02 -23.52 2.52
N ASP A 148 -19.79 -24.76 2.92
CA ASP A 148 -20.71 -25.87 2.73
C ASP A 148 -22.03 -25.72 3.50
N THR A 149 -23.09 -26.32 2.96
CA THR A 149 -24.42 -26.26 3.57
C THR A 149 -25.12 -27.63 3.58
N PHE A 150 -24.79 -28.48 2.61
CA PHE A 150 -25.43 -29.79 2.48
C PHE A 150 -24.58 -30.93 3.03
N TYR A 151 -25.25 -31.94 3.56
CA TYR A 151 -24.58 -33.12 4.12
C TYR A 151 -24.50 -34.26 3.09
N ASN A 152 -23.28 -34.53 2.64
CA ASN A 152 -23.02 -35.66 1.75
C ASN A 152 -22.27 -36.76 2.49
N GLY A 153 -21.07 -36.43 2.98
CA GLY A 153 -20.30 -37.34 3.83
C GLY A 153 -19.30 -38.23 3.12
N GLY A 154 -19.60 -38.61 1.88
CA GLY A 154 -18.72 -39.45 1.07
C GLY A 154 -17.36 -38.81 0.82
N TRP A 155 -17.32 -37.48 0.94
CA TRP A 155 -16.09 -36.70 0.84
C TRP A 155 -16.12 -35.56 1.86
N ASP A 156 -17.13 -35.59 2.73
CA ASP A 156 -17.38 -34.51 3.69
C ASP A 156 -17.35 -35.01 5.14
N PRO A 157 -17.13 -34.09 6.11
CA PRO A 157 -17.15 -34.41 7.54
C PRO A 157 -18.56 -34.63 8.12
N THR A 158 -18.86 -33.98 9.24
CA THR A 158 -20.08 -34.27 10.02
C THR A 158 -21.30 -33.39 9.68
N GLU A 159 -21.07 -32.08 9.54
CA GLU A 159 -22.17 -31.13 9.29
C GLU A 159 -21.73 -29.95 8.42
N ARG A 160 -22.21 -28.74 8.74
CA ARG A 160 -21.80 -27.52 8.05
C ARG A 160 -20.34 -27.22 8.36
N HIS A 161 -19.56 -26.90 7.33
CA HIS A 161 -18.13 -26.72 7.48
C HIS A 161 -17.50 -25.73 6.50
N ILE A 162 -16.53 -24.96 7.00
CA ILE A 162 -15.68 -24.13 6.15
C ILE A 162 -14.33 -24.84 6.02
N GLY A 163 -14.00 -25.27 4.80
CA GLY A 163 -12.77 -26.02 4.56
C GLY A 163 -12.10 -25.74 3.23
N ILE A 164 -10.94 -26.37 3.06
CA ILE A 164 -10.15 -26.22 1.83
C ILE A 164 -10.22 -27.51 1.02
N ASP A 165 -10.33 -27.38 -0.29
CA ASP A 165 -10.39 -28.53 -1.20
C ASP A 165 -9.08 -28.66 -1.99
N VAL A 166 -8.34 -29.74 -1.71
CA VAL A 166 -7.02 -29.95 -2.31
C VAL A 166 -7.05 -31.04 -3.39
N ASN A 167 -6.83 -30.62 -4.64
CA ASN A 167 -6.84 -31.51 -5.82
C ASN A 167 -8.14 -32.28 -6.07
N SER A 168 -8.96 -32.39 -5.03
CA SER A 168 -10.22 -33.13 -5.09
C SER A 168 -11.25 -32.51 -4.16
N ILE A 169 -12.46 -33.06 -4.19
CA ILE A 169 -13.56 -32.58 -3.36
C ILE A 169 -13.47 -33.15 -1.92
N LYS A 170 -12.60 -34.13 -1.74
CA LYS A 170 -12.41 -34.80 -0.46
C LYS A 170 -11.39 -34.05 0.41
N SER A 171 -11.86 -33.52 1.54
CA SER A 171 -11.02 -32.75 2.46
C SER A 171 -10.27 -33.65 3.45
N ILE A 172 -9.26 -33.06 4.11
CA ILE A 172 -8.49 -33.76 5.14
C ILE A 172 -8.67 -33.14 6.53
N LYS A 173 -8.86 -31.82 6.56
CA LYS A 173 -9.12 -31.09 7.80
C LYS A 173 -9.97 -29.85 7.54
N THR A 174 -11.10 -29.76 8.25
CA THR A 174 -12.01 -28.61 8.16
C THR A 174 -12.33 -28.09 9.56
N THR A 175 -13.19 -27.07 9.63
CA THR A 175 -13.65 -26.52 10.91
C THR A 175 -15.17 -26.53 11.03
N SER A 176 -15.66 -26.35 12.25
CA SER A 176 -17.09 -26.23 12.51
C SER A 176 -17.56 -24.80 12.27
N TRP A 177 -18.78 -24.67 11.79
CA TRP A 177 -19.40 -23.36 11.52
C TRP A 177 -20.91 -23.49 11.52
N ASP A 178 -21.57 -22.68 12.33
CA ASP A 178 -23.02 -22.62 12.36
C ASP A 178 -23.53 -21.92 11.10
N PHE A 179 -24.52 -22.53 10.45
CA PHE A 179 -25.05 -22.02 9.19
C PHE A 179 -26.02 -20.85 9.40
N ALA A 180 -25.53 -19.64 9.11
CA ALA A 180 -26.33 -18.44 9.21
C ALA A 180 -27.25 -18.31 8.00
N ASN A 181 -28.49 -17.88 8.23
CA ASN A 181 -29.47 -17.75 7.17
C ASN A 181 -29.92 -16.30 6.96
N GLY A 182 -29.47 -15.71 5.87
CA GLY A 182 -29.77 -14.32 5.54
C GLY A 182 -28.98 -13.33 6.38
N GLU A 183 -27.67 -13.53 6.45
CA GLU A 183 -26.78 -12.74 7.30
C GLU A 183 -25.55 -12.26 6.53
N ASN A 184 -25.16 -11.00 6.78
CA ASN A 184 -23.98 -10.42 6.16
C ASN A 184 -22.71 -10.91 6.83
N ALA A 185 -21.81 -11.50 6.06
CA ALA A 185 -20.58 -12.07 6.59
C ALA A 185 -19.35 -11.60 5.82
N GLU A 186 -18.35 -11.11 6.56
CA GLU A 186 -17.11 -10.64 5.97
C GLU A 186 -16.00 -11.68 6.14
N VAL A 187 -15.39 -12.06 5.02
CA VAL A 187 -14.45 -13.18 4.96
C VAL A 187 -13.02 -12.69 4.74
N LEU A 188 -12.08 -13.34 5.41
CA LEU A 188 -10.67 -13.06 5.21
C LEU A 188 -9.90 -14.36 4.97
N ILE A 189 -9.32 -14.47 3.78
CA ILE A 189 -8.52 -15.65 3.42
C ILE A 189 -7.13 -15.21 3.01
N THR A 190 -6.12 -15.91 3.52
CA THR A 190 -4.72 -15.59 3.25
C THR A 190 -3.89 -16.85 3.05
N TYR A 191 -2.83 -16.71 2.25
CA TYR A 191 -1.85 -17.78 2.09
C TYR A 191 -0.44 -17.24 2.34
N ASP A 192 0.34 -18.01 3.07
CA ASP A 192 1.72 -17.64 3.38
C ASP A 192 2.70 -18.64 2.77
N SER A 193 3.69 -18.13 2.05
CA SER A 193 4.68 -18.95 1.35
C SER A 193 5.67 -19.64 2.30
N SER A 194 6.00 -18.97 3.40
CA SER A 194 6.99 -19.47 4.35
C SER A 194 6.57 -20.76 5.06
N THR A 195 5.27 -20.88 5.34
CA THR A 195 4.74 -22.04 6.06
C THR A 195 3.65 -22.80 5.29
N ASN A 196 3.39 -22.39 4.05
CA ASN A 196 2.35 -22.99 3.20
C ASN A 196 0.94 -22.95 3.83
N LEU A 197 0.78 -22.10 4.84
CA LEU A 197 -0.45 -22.07 5.63
C LEU A 197 -1.55 -21.26 4.95
N LEU A 198 -2.70 -21.90 4.77
CA LEU A 198 -3.88 -21.24 4.25
C LEU A 198 -4.84 -21.00 5.41
N VAL A 199 -5.06 -19.73 5.75
CA VAL A 199 -5.92 -19.35 6.86
C VAL A 199 -7.19 -18.69 6.32
N ALA A 200 -8.34 -19.19 6.74
CA ALA A 200 -9.63 -18.65 6.31
C ALA A 200 -10.50 -18.33 7.51
N SER A 201 -10.97 -17.08 7.57
CA SER A 201 -11.83 -16.63 8.66
C SER A 201 -13.16 -16.10 8.14
N LEU A 202 -14.10 -15.90 9.05
CA LEU A 202 -15.45 -15.44 8.71
C LEU A 202 -16.05 -14.78 9.94
N VAL A 203 -16.43 -13.51 9.79
CA VAL A 203 -17.04 -12.76 10.89
C VAL A 203 -18.44 -12.26 10.58
N HIS A 204 -19.31 -12.34 11.58
CA HIS A 204 -20.64 -11.75 11.52
C HIS A 204 -20.65 -10.49 12.37
N PRO A 205 -20.69 -9.30 11.73
CA PRO A 205 -20.75 -8.04 12.46
C PRO A 205 -21.91 -7.96 13.45
N SER A 206 -23.05 -8.52 13.08
CA SER A 206 -24.27 -8.47 13.88
C SER A 206 -24.39 -9.62 14.88
N GLN A 207 -23.88 -10.81 14.51
CA GLN A 207 -24.03 -12.00 15.34
C GLN A 207 -22.79 -12.37 16.15
N LYS A 208 -21.66 -11.74 15.82
CA LYS A 208 -20.36 -11.97 16.48
C LYS A 208 -19.78 -13.37 16.24
N THR A 209 -20.58 -14.25 15.62
CA THR A 209 -20.20 -15.64 15.39
C THR A 209 -18.99 -15.76 14.44
N SER A 210 -17.81 -15.58 15.01
CA SER A 210 -16.56 -15.59 14.25
C SER A 210 -15.87 -16.94 14.31
N PHE A 211 -15.47 -17.44 13.15
CA PHE A 211 -14.83 -18.76 13.04
C PHE A 211 -13.59 -18.68 12.17
N ILE A 212 -12.66 -19.62 12.37
CA ILE A 212 -11.37 -19.62 11.69
C ILE A 212 -10.84 -21.05 11.45
N VAL A 213 -10.20 -21.24 10.30
CA VAL A 213 -9.58 -22.53 9.95
C VAL A 213 -8.21 -22.31 9.31
N SER A 214 -7.29 -23.24 9.56
CA SER A 214 -5.94 -23.19 9.00
C SER A 214 -5.41 -24.59 8.67
N GLU A 215 -4.68 -24.69 7.55
CA GLU A 215 -4.05 -25.95 7.14
C GLU A 215 -2.88 -25.69 6.17
N ARG A 216 -1.82 -26.48 6.32
CA ARG A 216 -0.62 -26.37 5.48
C ARG A 216 -0.63 -27.40 4.34
N VAL A 217 -0.77 -26.90 3.11
CA VAL A 217 -0.69 -27.73 1.91
C VAL A 217 0.19 -27.02 0.87
N ASP A 218 1.16 -27.76 0.32
CA ASP A 218 2.06 -27.23 -0.72
C ASP A 218 1.30 -27.06 -2.04
N LEU A 219 1.42 -25.87 -2.62
CA LEU A 219 0.67 -25.53 -3.83
C LEU A 219 1.51 -25.64 -5.12
N THR A 220 2.81 -25.83 -4.97
CA THR A 220 3.70 -26.07 -6.10
C THR A 220 3.48 -27.47 -6.66
N SER A 221 3.09 -28.38 -5.78
CA SER A 221 2.81 -29.77 -6.14
C SER A 221 1.37 -29.92 -6.65
N VAL A 222 0.48 -29.06 -6.16
CA VAL A 222 -0.94 -29.13 -6.48
C VAL A 222 -1.33 -28.17 -7.63
N LEU A 223 -1.24 -26.87 -7.37
CA LEU A 223 -1.67 -25.86 -8.34
C LEU A 223 -0.60 -25.60 -9.41
N PRO A 224 -1.02 -25.08 -10.58
CA PRO A 224 -0.07 -24.72 -11.64
C PRO A 224 0.52 -23.32 -11.43
N GLU A 225 1.07 -22.72 -12.49
CA GLU A 225 1.72 -21.41 -12.39
C GLU A 225 0.73 -20.24 -12.42
N TRP A 226 -0.29 -20.33 -13.26
CA TRP A 226 -1.26 -19.24 -13.44
C TRP A 226 -2.70 -19.72 -13.27
N VAL A 227 -3.49 -18.94 -12.53
CA VAL A 227 -4.89 -19.28 -12.26
C VAL A 227 -5.85 -18.09 -12.34
N SER A 228 -7.08 -18.38 -12.73
CA SER A 228 -8.18 -17.41 -12.62
C SER A 228 -8.76 -17.50 -11.21
N VAL A 229 -8.76 -16.36 -10.51
CA VAL A 229 -9.16 -16.30 -9.11
C VAL A 229 -10.50 -15.57 -8.97
N GLY A 230 -11.41 -16.16 -8.20
CA GLY A 230 -12.73 -15.58 -7.99
C GLY A 230 -13.67 -16.48 -7.20
N PHE A 231 -14.92 -16.56 -7.65
CA PHE A 231 -15.96 -17.28 -6.92
C PHE A 231 -16.67 -18.33 -7.79
N SER A 232 -16.59 -19.58 -7.35
CA SER A 232 -17.29 -20.68 -8.03
C SER A 232 -18.51 -21.10 -7.22
N ALA A 233 -19.70 -20.91 -7.80
CA ALA A 233 -20.95 -21.22 -7.14
C ALA A 233 -21.70 -22.38 -7.82
N THR A 234 -22.51 -23.09 -7.04
CA THR A 234 -23.28 -24.24 -7.53
C THR A 234 -24.58 -24.47 -6.78
N THR A 235 -25.42 -25.33 -7.32
CA THR A 235 -26.67 -25.78 -6.68
C THR A 235 -26.79 -27.31 -6.76
N GLY A 236 -27.89 -27.84 -6.24
CA GLY A 236 -28.12 -29.29 -6.25
C GLY A 236 -28.88 -29.79 -7.47
N LEU A 237 -29.29 -31.05 -7.42
CA LEU A 237 -30.06 -31.68 -8.50
C LEU A 237 -31.56 -31.68 -8.22
N SER A 238 -31.96 -31.00 -7.14
CA SER A 238 -33.37 -30.98 -6.73
C SER A 238 -33.83 -29.57 -6.35
N LYS A 239 -35.10 -29.28 -6.64
CA LYS A 239 -35.69 -27.97 -6.37
C LYS A 239 -35.97 -27.71 -4.88
N GLY A 240 -36.03 -28.79 -4.10
CA GLY A 240 -36.28 -28.70 -2.66
C GLY A 240 -35.12 -28.16 -1.86
N TYR A 241 -33.90 -28.35 -2.38
CA TYR A 241 -32.68 -27.91 -1.72
C TYR A 241 -32.03 -26.76 -2.50
N VAL A 242 -32.56 -25.55 -2.30
CA VAL A 242 -32.12 -24.37 -3.08
C VAL A 242 -31.64 -23.20 -2.21
N GLU A 243 -30.57 -22.55 -2.68
CA GLU A 243 -30.00 -21.37 -2.00
C GLU A 243 -29.26 -20.43 -2.97
N THR A 244 -28.79 -19.29 -2.45
CA THR A 244 -28.23 -18.21 -3.27
C THR A 244 -26.72 -18.01 -3.09
N ASN A 245 -26.14 -17.16 -3.95
CA ASN A 245 -24.73 -16.77 -3.87
C ASN A 245 -24.52 -15.29 -4.26
N GLU A 246 -24.24 -14.44 -3.27
CA GLU A 246 -24.08 -13.00 -3.47
C GLU A 246 -22.83 -12.42 -2.83
N VAL A 247 -22.18 -11.48 -3.52
CA VAL A 247 -21.00 -10.79 -3.01
C VAL A 247 -21.17 -9.26 -3.07
N LEU A 248 -20.99 -8.62 -1.91
CA LEU A 248 -21.18 -7.16 -1.79
C LEU A 248 -19.93 -6.37 -2.18
N SER A 249 -18.78 -6.77 -1.65
CA SER A 249 -17.50 -6.12 -1.96
C SER A 249 -16.36 -7.13 -1.93
N TRP A 250 -15.37 -6.92 -2.79
CA TRP A 250 -14.27 -7.87 -2.95
C TRP A 250 -12.92 -7.19 -3.01
N SER A 251 -11.94 -7.78 -2.31
CA SER A 251 -10.57 -7.29 -2.30
C SER A 251 -9.60 -8.45 -2.50
N PHE A 252 -8.44 -8.14 -3.06
CA PHE A 252 -7.39 -9.14 -3.28
C PHE A 252 -6.01 -8.50 -3.39
N ALA A 253 -4.99 -9.23 -2.96
CA ALA A 253 -3.60 -8.85 -3.16
C ALA A 253 -2.76 -10.11 -3.33
N SER A 254 -1.64 -10.00 -4.06
CA SER A 254 -0.71 -11.11 -4.22
C SER A 254 0.72 -10.59 -4.36
N LYS A 255 1.67 -11.38 -3.85
CA LYS A 255 3.08 -11.02 -3.85
C LYS A 255 3.95 -12.22 -4.21
N LEU A 256 4.73 -12.10 -5.29
CA LEU A 256 5.65 -13.14 -5.71
C LEU A 256 7.08 -12.78 -5.30
N SER A 257 7.62 -13.50 -4.32
CA SER A 257 8.97 -13.24 -3.80
C SER A 257 10.05 -13.40 -4.88
N ILE A 258 11.15 -12.67 -4.71
CA ILE A 258 12.22 -12.61 -5.71
C ILE A 258 13.07 -13.88 -5.73
N ASN A 259 14.13 -13.92 -4.92
CA ASN A 259 15.08 -15.03 -4.90
C ASN A 259 15.24 -15.63 -3.50
N LYS A 260 14.68 -16.82 -3.32
CA LYS A 260 14.73 -17.56 -2.05
C LYS A 260 14.55 -16.68 -0.82
N GLU A 261 13.33 -16.16 -0.64
CA GLU A 261 12.99 -15.33 0.51
C GLU A 261 12.40 -16.17 1.64
N ASP A 262 11.31 -16.87 1.34
CA ASP A 262 10.52 -17.65 2.31
C ASP A 262 10.11 -16.74 3.49
N GLU A 263 9.45 -15.63 3.16
CA GLU A 263 9.08 -14.61 4.13
C GLU A 263 7.57 -14.43 4.19
N GLU A 264 7.10 -13.58 5.11
CA GLU A 264 5.67 -13.31 5.26
C GLU A 264 5.27 -11.95 4.67
N ASN A 265 4.12 -11.93 3.99
CA ASN A 265 3.61 -10.72 3.38
C ASN A 265 2.81 -9.87 4.36
N LYS A 266 2.69 -8.58 4.07
CA LYS A 266 1.91 -7.68 4.91
C LYS A 266 0.44 -8.06 4.89
N LEU A 267 -0.22 -7.93 6.04
CA LEU A 267 -1.62 -8.30 6.17
C LEU A 267 -2.42 -7.25 6.94
N ALA A 268 -1.73 -6.47 7.75
CA ALA A 268 -2.38 -5.43 8.55
C ALA A 268 -2.92 -4.30 7.68
N ILE A 269 -2.20 -3.99 6.60
CA ILE A 269 -2.58 -2.91 5.70
C ILE A 269 -3.61 -3.36 4.66
N PHE A 270 -3.70 -4.67 4.45
CA PHE A 270 -4.59 -5.20 3.43
C PHE A 270 -6.06 -5.13 3.83
N ASN A 271 -6.41 -5.74 4.95
CA ASN A 271 -7.80 -5.81 5.39
C ASN A 271 -8.48 -4.44 5.51
N LEU A 272 -7.67 -3.39 5.48
CA LEU A 272 -8.20 -2.03 5.57
C LEU A 272 -8.57 -1.51 4.19
N GLU A 273 -7.96 -2.09 3.16
CA GLU A 273 -8.24 -1.69 1.78
C GLU A 273 -9.71 -1.95 1.44
N GLY A 274 -10.11 -3.22 1.48
CA GLY A 274 -11.48 -3.60 1.18
C GLY A 274 -12.42 -3.40 2.36
N LYS A 275 -12.47 -4.39 3.25
CA LYS A 275 -13.33 -4.31 4.43
C LYS A 275 -13.19 -2.96 5.12
N ALA A 276 -12.07 -2.77 5.81
CA ALA A 276 -11.80 -1.52 6.51
C ALA A 276 -11.00 -0.56 5.63
N ALA B 24 -14.82 3.20 -2.59
CA ALA B 24 -13.83 3.58 -3.64
C ALA B 24 -13.24 2.34 -4.31
N ASN B 25 -13.35 2.28 -5.63
CA ASN B 25 -12.75 1.20 -6.40
C ASN B 25 -11.27 1.47 -6.68
N LEU B 26 -10.45 0.45 -6.47
CA LEU B 26 -9.01 0.54 -6.71
C LEU B 26 -8.51 -0.63 -7.56
N ILE B 27 -7.40 -0.38 -8.26
CA ILE B 27 -6.69 -1.39 -9.04
C ILE B 27 -5.20 -1.04 -9.07
N SER B 28 -4.35 -2.01 -8.78
CA SER B 28 -2.91 -1.80 -8.85
C SER B 28 -2.13 -3.05 -9.25
N PHE B 29 -0.94 -2.84 -9.80
CA PHE B 29 0.00 -3.92 -10.07
C PHE B 29 1.42 -3.41 -10.16
N THR B 30 2.37 -4.31 -9.93
CA THR B 30 3.79 -3.98 -10.05
C THR B 30 4.50 -5.12 -10.75
N PHE B 31 5.00 -4.84 -11.95
CA PHE B 31 5.76 -5.80 -12.73
C PHE B 31 7.23 -5.42 -12.70
N LYS B 32 7.95 -5.97 -11.73
CA LYS B 32 9.42 -5.82 -11.71
C LYS B 32 10.04 -6.76 -12.73
N LYS B 33 9.26 -7.76 -13.13
CA LYS B 33 9.59 -8.67 -14.22
C LYS B 33 8.30 -8.93 -14.99
N PHE B 34 8.42 -9.11 -16.30
CA PHE B 34 7.25 -9.25 -17.17
C PHE B 34 6.85 -10.69 -17.46
N ASN B 35 5.55 -10.88 -17.72
CA ASN B 35 4.98 -12.15 -18.15
C ASN B 35 3.93 -11.92 -19.23
N GLU B 36 3.66 -12.96 -20.03
CA GLU B 36 2.77 -12.83 -21.18
C GLU B 36 1.28 -12.89 -20.81
N THR B 37 0.94 -13.80 -19.89
CA THR B 37 -0.46 -14.14 -19.60
C THR B 37 -1.31 -13.02 -18.98
N ASN B 38 -0.67 -12.00 -18.43
CA ASN B 38 -1.40 -10.82 -17.92
C ASN B 38 -1.29 -9.59 -18.81
N LEU B 39 -0.82 -9.79 -20.05
CA LEU B 39 -0.67 -8.71 -21.02
C LEU B 39 -1.41 -8.97 -22.33
N ILE B 40 -1.74 -7.90 -23.06
CA ILE B 40 -2.30 -8.01 -24.40
C ILE B 40 -1.27 -7.56 -25.43
N LEU B 41 -0.56 -8.53 -26.00
CA LEU B 41 0.53 -8.28 -26.95
C LEU B 41 0.00 -8.10 -28.37
N GLN B 42 0.38 -6.99 -28.99
CA GLN B 42 -0.04 -6.69 -30.37
C GLN B 42 1.16 -6.51 -31.27
N ARG B 43 1.01 -6.99 -32.52
CA ARG B 43 2.04 -6.92 -33.55
C ARG B 43 3.38 -7.57 -33.14
N ASP B 44 4.41 -6.75 -33.00
CA ASP B 44 5.79 -7.24 -32.83
C ASP B 44 6.25 -7.28 -31.36
N ALA B 45 5.35 -6.91 -30.45
CA ALA B 45 5.65 -6.88 -29.01
C ALA B 45 5.77 -8.27 -28.41
N THR B 46 6.92 -8.54 -27.78
CA THR B 46 7.18 -9.84 -27.16
C THR B 46 7.83 -9.71 -25.78
N VAL B 47 7.63 -10.72 -24.94
CA VAL B 47 8.31 -10.81 -23.65
C VAL B 47 9.50 -11.75 -23.79
N SER B 48 10.70 -11.19 -23.69
CA SER B 48 11.93 -11.97 -23.80
C SER B 48 12.73 -11.91 -22.51
N SER B 49 12.79 -13.04 -21.82
CA SER B 49 13.54 -13.20 -20.56
C SER B 49 13.22 -12.12 -19.52
N GLY B 50 11.93 -11.89 -19.30
CA GLY B 50 11.46 -10.95 -18.27
C GLY B 50 11.34 -9.51 -18.73
N LYS B 51 11.82 -9.21 -19.93
CA LYS B 51 11.79 -7.86 -20.47
C LYS B 51 10.73 -7.69 -21.55
N LEU B 52 9.95 -6.62 -21.45
CA LEU B 52 9.01 -6.26 -22.50
C LEU B 52 9.74 -5.61 -23.67
N ARG B 53 10.15 -6.44 -24.63
CA ARG B 53 10.77 -5.97 -25.86
C ARG B 53 9.68 -5.65 -26.87
N ILE B 54 9.31 -4.37 -26.95
CA ILE B 54 8.17 -3.93 -27.76
C ILE B 54 8.44 -4.01 -29.26
N THR B 55 9.61 -3.54 -29.68
CA THR B 55 10.00 -3.62 -31.09
C THR B 55 11.03 -4.73 -31.29
N LYS B 56 11.02 -5.33 -32.47
CA LYS B 56 11.81 -6.54 -32.75
C LYS B 56 13.32 -6.31 -32.72
N ALA B 57 14.03 -7.34 -32.27
CA ALA B 57 15.49 -7.35 -32.29
C ALA B 57 15.97 -8.71 -32.78
N ALA B 58 16.93 -8.68 -33.68
CA ALA B 58 17.47 -9.90 -34.31
C ALA B 58 18.16 -10.80 -33.30
N GLU B 59 18.31 -12.07 -33.66
CA GLU B 59 18.99 -13.07 -32.83
C GLU B 59 20.47 -12.74 -32.59
N ASN B 60 20.93 -11.67 -33.24
CA ASN B 60 22.29 -11.17 -33.04
C ASN B 60 22.32 -9.86 -32.24
N GLY B 61 21.16 -9.47 -31.70
CA GLY B 61 21.03 -8.25 -30.90
C GLY B 61 20.89 -7.00 -31.74
N VAL B 62 20.34 -7.15 -32.95
CA VAL B 62 20.23 -6.06 -33.91
C VAL B 62 18.77 -5.59 -34.09
N PRO B 63 18.50 -4.32 -33.76
CA PRO B 63 17.16 -3.72 -33.93
C PRO B 63 16.74 -3.65 -35.40
N THR B 64 15.44 -3.79 -35.65
CA THR B 64 14.92 -3.88 -37.02
C THR B 64 13.98 -2.71 -37.33
N ALA B 65 14.01 -2.24 -38.58
CA ALA B 65 13.19 -1.12 -39.02
C ALA B 65 11.77 -1.55 -39.39
N GLY B 66 10.85 -0.58 -39.41
CA GLY B 66 9.45 -0.84 -39.74
C GLY B 66 8.74 -1.73 -38.73
N SER B 67 9.16 -1.65 -37.48
CA SER B 67 8.52 -2.42 -36.42
C SER B 67 7.43 -1.60 -35.73
N LEU B 68 6.42 -2.30 -35.22
CA LEU B 68 5.35 -1.70 -34.43
C LEU B 68 5.01 -2.70 -33.32
N GLY B 69 4.93 -2.21 -32.09
CA GLY B 69 4.63 -3.08 -30.96
C GLY B 69 3.73 -2.41 -29.94
N ARG B 70 2.77 -3.17 -29.43
CA ARG B 70 1.87 -2.70 -28.38
C ARG B 70 1.67 -3.75 -27.32
N ALA B 71 1.71 -3.34 -26.05
CA ALA B 71 1.39 -4.22 -24.94
C ALA B 71 0.54 -3.48 -23.90
N PHE B 72 -0.60 -4.09 -23.55
CA PHE B 72 -1.55 -3.49 -22.60
C PHE B 72 -1.82 -4.42 -21.41
N TYR B 73 -2.44 -3.88 -20.37
CA TYR B 73 -2.84 -4.67 -19.22
C TYR B 73 -4.13 -5.42 -19.54
N SER B 74 -4.18 -6.69 -19.15
CA SER B 74 -5.31 -7.58 -19.44
C SER B 74 -6.65 -7.14 -18.83
N THR B 75 -6.59 -6.30 -17.79
CA THR B 75 -7.79 -5.79 -17.14
C THR B 75 -8.09 -4.34 -17.58
N PRO B 76 -9.26 -4.14 -18.22
CA PRO B 76 -9.78 -2.81 -18.53
C PRO B 76 -9.86 -1.94 -17.28
N ILE B 77 -9.33 -0.73 -17.39
CA ILE B 77 -9.25 0.19 -16.27
C ILE B 77 -10.26 1.33 -16.46
N GLN B 78 -11.21 1.44 -15.54
CA GLN B 78 -12.19 2.53 -15.57
C GLN B 78 -11.56 3.82 -15.10
N ILE B 79 -11.53 4.80 -16.00
CA ILE B 79 -10.91 6.10 -15.72
C ILE B 79 -11.94 7.22 -15.50
N TRP B 80 -13.20 6.93 -15.82
CA TRP B 80 -14.31 7.80 -15.43
C TRP B 80 -15.66 7.08 -15.48
N ASP B 81 -16.51 7.39 -14.50
CA ASP B 81 -17.84 6.80 -14.39
C ASP B 81 -18.88 7.75 -14.95
N ASN B 82 -19.73 7.22 -15.83
CA ASN B 82 -20.81 8.00 -16.45
C ASN B 82 -21.99 8.23 -15.50
N THR B 83 -22.39 7.18 -14.79
CA THR B 83 -23.54 7.20 -13.89
C THR B 83 -23.35 8.00 -12.60
N THR B 84 -22.11 8.41 -12.32
CA THR B 84 -21.82 9.23 -11.13
C THR B 84 -21.10 10.54 -11.51
N GLY B 85 -20.51 10.57 -12.70
CA GLY B 85 -19.77 11.73 -13.18
C GLY B 85 -18.43 11.91 -12.50
N THR B 86 -17.95 10.87 -11.82
CA THR B 86 -16.67 10.91 -11.14
C THR B 86 -15.55 10.48 -12.08
N VAL B 87 -14.40 11.15 -11.93
CA VAL B 87 -13.22 10.88 -12.72
C VAL B 87 -12.18 10.21 -11.82
N ALA B 88 -11.47 9.22 -12.36
CA ALA B 88 -10.45 8.51 -11.59
C ALA B 88 -9.18 9.35 -11.44
N SER B 89 -8.45 9.11 -10.36
CA SER B 89 -7.07 9.55 -10.23
C SER B 89 -6.18 8.33 -10.41
N TRP B 90 -5.18 8.45 -11.27
CA TRP B 90 -4.30 7.33 -11.55
C TRP B 90 -2.84 7.73 -11.66
N ALA B 91 -1.96 6.74 -11.53
CA ALA B 91 -0.52 6.98 -11.60
C ALA B 91 0.18 5.78 -12.18
N THR B 92 1.17 6.02 -13.02
CA THR B 92 2.00 4.96 -13.54
C THR B 92 3.46 5.32 -13.46
N SER B 93 4.28 4.30 -13.24
CA SER B 93 5.72 4.45 -13.35
C SER B 93 6.23 3.30 -14.20
N PHE B 94 7.33 3.56 -14.92
CA PHE B 94 8.02 2.52 -15.65
C PHE B 94 9.45 2.93 -15.98
N THR B 95 10.33 1.93 -16.06
CA THR B 95 11.68 2.16 -16.55
C THR B 95 11.79 1.55 -17.94
N PHE B 96 12.19 2.37 -18.90
CA PHE B 96 12.49 1.89 -20.24
C PHE B 96 13.95 2.13 -20.64
N ASN B 97 14.34 1.57 -21.78
CA ASN B 97 15.71 1.67 -22.27
C ASN B 97 15.73 1.64 -23.80
N LEU B 98 16.06 2.77 -24.40
CA LEU B 98 16.17 2.87 -25.85
C LEU B 98 17.63 2.74 -26.26
N GLN B 99 17.98 1.56 -26.78
CA GLN B 99 19.35 1.30 -27.20
C GLN B 99 19.47 1.28 -28.73
N ALA B 100 20.09 2.34 -29.26
CA ALA B 100 20.27 2.49 -30.70
C ALA B 100 21.72 2.20 -31.08
N PRO B 101 21.94 1.40 -32.15
CA PRO B 101 23.29 1.10 -32.65
C PRO B 101 24.07 2.37 -32.96
N ASN B 102 23.38 3.36 -33.52
CA ASN B 102 23.94 4.69 -33.73
C ASN B 102 22.98 5.77 -33.24
N ALA B 103 23.53 6.79 -32.58
CA ALA B 103 22.73 7.85 -31.98
C ALA B 103 22.30 8.92 -32.98
N ALA B 104 23.02 9.01 -34.09
CA ALA B 104 22.73 9.98 -35.15
C ALA B 104 21.59 9.53 -36.05
N SER B 105 21.24 8.25 -35.98
CA SER B 105 20.10 7.70 -36.72
C SER B 105 19.19 6.85 -35.82
N PRO B 106 18.37 7.50 -34.97
CA PRO B 106 17.36 6.77 -34.19
C PRO B 106 15.93 7.12 -34.63
N ALA B 107 14.99 6.23 -34.33
CA ALA B 107 13.56 6.41 -34.62
C ALA B 107 12.79 5.16 -34.16
N ASP B 108 11.57 5.32 -33.63
CA ASP B 108 10.88 6.61 -33.52
C ASP B 108 10.55 7.00 -32.07
N GLY B 109 10.64 6.05 -31.16
CA GLY B 109 10.34 6.28 -29.74
C GLY B 109 9.22 5.40 -29.20
N LEU B 110 8.92 5.56 -27.90
CA LEU B 110 7.85 4.81 -27.27
C LEU B 110 6.91 5.71 -26.47
N ALA B 111 5.72 5.20 -26.16
CA ALA B 111 4.72 5.97 -25.44
C ALA B 111 3.87 5.14 -24.48
N PHE B 112 3.47 5.77 -23.38
CA PHE B 112 2.42 5.24 -22.52
C PHE B 112 1.10 5.78 -23.04
N ALA B 113 0.13 4.89 -23.25
CA ALA B 113 -1.16 5.31 -23.78
C ALA B 113 -2.35 4.64 -23.10
N LEU B 114 -3.45 5.37 -23.05
CA LEU B 114 -4.74 4.83 -22.65
C LEU B 114 -5.61 4.81 -23.90
N VAL B 115 -6.12 3.62 -24.24
CA VAL B 115 -6.86 3.41 -25.49
C VAL B 115 -8.16 2.64 -25.23
N PRO B 116 -9.13 2.71 -26.16
CA PRO B 116 -10.36 1.92 -26.02
C PRO B 116 -10.06 0.42 -25.88
N VAL B 117 -10.92 -0.28 -25.14
CA VAL B 117 -10.74 -1.70 -24.79
C VAL B 117 -10.32 -2.59 -25.97
N GLY B 118 -10.93 -2.39 -27.13
CA GLY B 118 -10.67 -3.24 -28.29
C GLY B 118 -9.84 -2.61 -29.40
N SER B 119 -9.17 -1.50 -29.08
CA SER B 119 -8.42 -0.74 -30.09
C SER B 119 -7.24 -1.52 -30.68
N GLN B 120 -7.05 -1.37 -31.99
CA GLN B 120 -5.96 -2.02 -32.73
C GLN B 120 -4.81 -1.03 -32.98
N PRO B 121 -3.61 -1.55 -33.32
CA PRO B 121 -2.51 -0.67 -33.70
C PRO B 121 -2.85 0.14 -34.95
N LYS B 122 -2.44 1.40 -34.97
CA LYS B 122 -2.63 2.27 -36.13
C LYS B 122 -1.33 2.40 -36.93
N ASP B 123 -1.00 3.63 -37.34
CA ASP B 123 0.15 3.88 -38.19
C ASP B 123 1.49 3.78 -37.46
N LYS B 124 2.46 3.16 -38.13
CA LYS B 124 3.81 2.96 -37.59
C LYS B 124 4.62 4.25 -37.65
N GLY B 125 5.91 4.15 -37.33
CA GLY B 125 6.84 5.26 -37.46
C GLY B 125 6.60 6.42 -36.54
N GLY B 126 6.54 7.62 -37.10
CA GLY B 126 6.35 8.86 -36.35
C GLY B 126 5.03 8.96 -35.62
N PHE B 127 4.09 8.08 -35.98
CA PHE B 127 2.79 8.02 -35.33
C PHE B 127 2.80 7.09 -34.12
N LEU B 128 3.89 6.33 -33.99
CA LEU B 128 4.17 5.50 -32.80
C LEU B 128 3.16 4.38 -32.52
N GLY B 129 2.37 4.04 -33.54
CA GLY B 129 1.38 2.97 -33.44
C GLY B 129 0.07 3.44 -32.82
N LEU B 130 -0.05 4.73 -32.57
CA LEU B 130 -1.18 5.26 -31.82
C LEU B 130 -2.15 6.12 -32.62
N PHE B 131 -1.63 6.86 -33.60
CA PHE B 131 -2.44 7.84 -34.32
C PHE B 131 -2.38 7.66 -35.85
N ASP B 132 -3.21 8.42 -36.56
CA ASP B 132 -3.32 8.36 -38.03
C ASP B 132 -2.87 9.65 -38.70
N SER B 133 -3.06 10.77 -38.02
CA SER B 133 -2.78 12.10 -38.56
C SER B 133 -2.35 13.06 -37.47
N LYS B 134 -2.01 14.28 -37.86
CA LYS B 134 -1.68 15.35 -36.91
C LYS B 134 -2.90 16.19 -36.56
N ASN B 135 -3.98 16.05 -37.32
CA ASN B 135 -5.23 16.78 -37.04
C ASN B 135 -5.98 16.19 -35.85
N TYR B 136 -6.89 16.98 -35.28
CA TYR B 136 -7.68 16.54 -34.13
C TYR B 136 -8.69 15.45 -34.51
N ALA B 137 -8.35 14.21 -34.19
CA ALA B 137 -9.19 13.06 -34.49
C ALA B 137 -9.87 12.54 -33.22
N SER B 138 -11.06 13.07 -32.95
CA SER B 138 -11.81 12.73 -31.75
C SER B 138 -12.23 11.27 -31.67
N SER B 139 -12.39 10.62 -32.82
CA SER B 139 -12.82 9.23 -32.88
C SER B 139 -11.75 8.22 -32.44
N ASN B 140 -10.49 8.67 -32.40
CA ASN B 140 -9.39 7.83 -31.92
C ASN B 140 -9.49 7.53 -30.43
N GLN B 141 -10.00 8.49 -29.66
CA GLN B 141 -10.16 8.38 -28.20
C GLN B 141 -8.92 7.84 -27.47
N THR B 142 -7.78 8.52 -27.66
CA THR B 142 -6.51 8.09 -27.08
C THR B 142 -5.74 9.25 -26.46
N VAL B 143 -5.38 9.12 -25.19
CA VAL B 143 -4.45 10.03 -24.54
C VAL B 143 -3.12 9.29 -24.39
N ALA B 144 -2.03 9.95 -24.80
CA ALA B 144 -0.71 9.34 -24.79
C ALA B 144 0.38 10.28 -24.29
N VAL B 145 1.34 9.73 -23.55
CA VAL B 145 2.55 10.45 -23.20
C VAL B 145 3.72 9.86 -23.97
N GLU B 146 4.21 10.62 -24.96
CA GLU B 146 5.24 10.12 -25.86
C GLU B 146 6.65 10.42 -25.37
N PHE B 147 7.57 9.51 -25.68
CA PHE B 147 8.99 9.74 -25.49
C PHE B 147 9.63 9.63 -26.87
N ASP B 148 9.77 10.79 -27.50
CA ASP B 148 10.00 10.89 -28.94
C ASP B 148 11.47 11.16 -29.23
N THR B 149 12.09 10.23 -29.96
CA THR B 149 13.50 10.34 -30.33
C THR B 149 13.73 10.56 -31.83
N PHE B 150 12.73 11.10 -32.52
CA PHE B 150 12.88 11.45 -33.93
C PHE B 150 12.10 12.71 -34.30
N TYR B 151 12.82 13.68 -34.85
CA TYR B 151 12.25 14.94 -35.30
C TYR B 151 11.48 14.75 -36.60
N ASN B 152 10.14 14.71 -36.49
CA ASN B 152 9.28 14.55 -37.65
C ASN B 152 8.99 15.85 -38.41
N GLY B 153 9.08 16.99 -37.72
CA GLY B 153 8.93 18.29 -38.36
C GLY B 153 7.50 18.69 -38.67
N GLY B 154 6.75 17.76 -39.27
CA GLY B 154 5.32 17.95 -39.52
C GLY B 154 4.55 18.39 -38.30
N TRP B 155 5.11 18.09 -37.13
CA TRP B 155 4.47 18.40 -35.86
C TRP B 155 5.48 18.54 -34.72
N ASP B 156 6.62 17.86 -34.84
CA ASP B 156 7.61 17.80 -33.76
C ASP B 156 8.40 19.08 -33.49
N PRO B 157 8.74 19.33 -32.21
CA PRO B 157 9.77 20.30 -31.85
C PRO B 157 11.16 19.77 -32.24
N THR B 158 12.15 20.66 -32.24
CA THR B 158 13.43 20.42 -32.90
C THR B 158 14.33 19.30 -32.35
N GLU B 159 14.25 19.04 -31.04
CA GLU B 159 15.08 17.99 -30.42
C GLU B 159 14.24 16.92 -29.70
N ARG B 160 14.92 15.89 -29.19
CA ARG B 160 14.28 14.78 -28.49
C ARG B 160 13.35 15.32 -27.40
N HIS B 161 12.16 14.73 -27.27
CA HIS B 161 11.12 15.35 -26.45
C HIS B 161 10.10 14.40 -25.85
N ILE B 162 9.57 14.82 -24.71
CA ILE B 162 8.39 14.21 -24.10
C ILE B 162 7.20 15.06 -24.51
N GLY B 163 6.12 14.42 -24.92
CA GLY B 163 4.91 15.14 -25.34
C GLY B 163 3.64 14.55 -24.76
N ILE B 164 2.63 15.40 -24.62
CA ILE B 164 1.29 14.96 -24.25
C ILE B 164 0.42 14.93 -25.51
N ASP B 165 -0.10 13.76 -25.83
CA ASP B 165 -0.84 13.54 -27.06
C ASP B 165 -2.32 13.29 -26.80
N VAL B 166 -3.15 14.21 -27.30
CA VAL B 166 -4.60 14.11 -27.15
C VAL B 166 -5.23 13.96 -28.53
N ASN B 167 -5.65 12.74 -28.84
CA ASN B 167 -6.30 12.40 -30.11
C ASN B 167 -5.55 12.86 -31.37
N SER B 168 -4.23 12.95 -31.25
CA SER B 168 -3.36 13.44 -32.33
C SER B 168 -1.88 13.18 -32.00
N ILE B 169 -1.05 13.12 -33.04
CA ILE B 169 0.40 12.96 -32.88
C ILE B 169 1.10 14.33 -32.74
N LYS B 170 0.37 15.37 -33.14
CA LYS B 170 0.76 16.75 -32.87
C LYS B 170 0.48 17.04 -31.40
N SER B 171 1.54 17.07 -30.59
CA SER B 171 1.44 17.21 -29.14
C SER B 171 0.84 18.56 -28.71
N ILE B 172 -0.02 18.51 -27.69
CA ILE B 172 -0.63 19.74 -27.16
C ILE B 172 0.36 20.50 -26.30
N LYS B 173 1.36 19.79 -25.77
CA LYS B 173 2.49 20.40 -25.07
C LYS B 173 3.70 19.47 -25.11
N THR B 174 4.88 20.06 -25.07
CA THR B 174 6.14 19.32 -25.14
C THR B 174 7.14 19.89 -24.16
N THR B 175 8.17 19.09 -23.86
CA THR B 175 9.34 19.58 -23.13
C THR B 175 10.59 18.92 -23.69
N SER B 176 11.74 19.53 -23.41
CA SER B 176 13.04 19.05 -23.90
C SER B 176 13.52 17.81 -23.15
N TRP B 177 13.94 16.80 -23.90
CA TRP B 177 14.46 15.56 -23.31
C TRP B 177 15.88 15.26 -23.76
N ASP B 178 16.84 15.55 -22.89
CA ASP B 178 18.24 15.23 -23.12
C ASP B 178 18.44 13.72 -23.03
N PHE B 179 18.07 13.02 -24.10
CA PHE B 179 18.06 11.56 -24.16
C PHE B 179 19.45 10.95 -24.14
N ALA B 180 19.68 10.09 -23.16
CA ALA B 180 20.94 9.35 -23.02
C ALA B 180 20.77 7.98 -23.68
N ASN B 181 21.49 7.78 -24.78
CA ASN B 181 21.42 6.53 -25.54
C ASN B 181 21.80 5.31 -24.70
N GLY B 182 20.93 4.30 -24.71
CA GLY B 182 21.16 3.03 -24.04
C GLY B 182 21.18 3.08 -22.52
N GLU B 183 20.69 4.18 -21.97
CA GLU B 183 20.63 4.35 -20.52
C GLU B 183 19.19 4.27 -20.03
N ASN B 184 19.03 3.77 -18.79
CA ASN B 184 17.73 3.62 -18.16
C ASN B 184 17.03 4.97 -18.01
N ALA B 185 15.74 4.98 -18.36
CA ALA B 185 14.89 6.15 -18.16
C ALA B 185 13.84 5.81 -17.12
N GLU B 186 13.87 6.52 -16.00
CA GLU B 186 12.87 6.32 -14.94
C GLU B 186 11.73 7.31 -15.11
N VAL B 187 10.54 6.79 -15.39
CA VAL B 187 9.39 7.62 -15.74
C VAL B 187 8.29 7.58 -14.67
N LEU B 188 7.58 8.68 -14.52
CA LEU B 188 6.39 8.77 -13.66
C LEU B 188 5.31 9.59 -14.34
N ILE B 189 4.10 9.02 -14.41
CA ILE B 189 2.94 9.72 -14.97
C ILE B 189 1.77 9.68 -13.98
N THR B 190 1.35 10.86 -13.54
CA THR B 190 0.22 10.98 -12.61
C THR B 190 -0.87 11.85 -13.20
N TYR B 191 -2.12 11.50 -12.89
CA TYR B 191 -3.27 12.29 -13.31
C TYR B 191 -4.16 12.55 -12.11
N ASP B 192 -4.08 13.78 -11.59
CA ASP B 192 -4.95 14.21 -10.50
C ASP B 192 -6.24 14.78 -11.08
N SER B 193 -7.32 14.03 -10.90
CA SER B 193 -8.61 14.35 -11.50
C SER B 193 -9.22 15.67 -11.05
N SER B 194 -9.10 15.97 -9.76
CA SER B 194 -9.64 17.22 -9.18
C SER B 194 -9.09 18.47 -9.88
N THR B 195 -7.78 18.52 -10.10
CA THR B 195 -7.15 19.60 -10.85
C THR B 195 -7.23 19.36 -12.36
N ASN B 196 -7.57 18.12 -12.74
CA ASN B 196 -7.55 17.66 -14.14
C ASN B 196 -6.19 17.87 -14.80
N LEU B 197 -5.13 17.55 -14.04
CA LEU B 197 -3.77 17.79 -14.51
C LEU B 197 -2.99 16.50 -14.67
N LEU B 198 -2.39 16.34 -15.86
CA LEU B 198 -1.51 15.23 -16.14
C LEU B 198 -0.07 15.74 -16.02
N VAL B 199 0.75 15.01 -15.26
CA VAL B 199 2.15 15.37 -15.09
C VAL B 199 3.04 14.17 -15.47
N ALA B 200 4.03 14.43 -16.31
CA ALA B 200 4.97 13.40 -16.76
C ALA B 200 6.40 13.82 -16.52
N SER B 201 7.20 12.91 -15.97
CA SER B 201 8.61 13.19 -15.68
C SER B 201 9.51 12.03 -16.08
N LEU B 202 10.72 12.37 -16.53
CA LEU B 202 11.73 11.36 -16.87
C LEU B 202 13.04 11.64 -16.15
N VAL B 203 13.66 10.59 -15.63
CA VAL B 203 14.94 10.68 -14.96
C VAL B 203 15.92 9.67 -15.56
N HIS B 204 17.11 10.15 -15.94
CA HIS B 204 18.24 9.28 -16.25
C HIS B 204 19.17 9.26 -15.04
N PRO B 205 19.09 8.20 -14.22
CA PRO B 205 19.88 8.11 -12.97
C PRO B 205 21.39 7.98 -13.19
N SER B 206 21.79 7.61 -14.40
CA SER B 206 23.20 7.47 -14.75
C SER B 206 23.86 8.83 -15.00
N GLN B 207 23.05 9.84 -15.31
CA GLN B 207 23.56 11.16 -15.69
C GLN B 207 23.05 12.30 -14.80
N LYS B 208 22.22 11.95 -13.82
CA LYS B 208 21.62 12.91 -12.89
C LYS B 208 20.76 13.98 -13.58
N THR B 209 20.16 13.61 -14.71
CA THR B 209 19.32 14.52 -15.47
C THR B 209 17.85 14.26 -15.16
N SER B 210 17.05 15.33 -15.19
CA SER B 210 15.62 15.22 -14.95
C SER B 210 14.82 16.17 -15.82
N PHE B 211 13.61 15.75 -16.17
CA PHE B 211 12.74 16.48 -17.08
C PHE B 211 11.31 16.35 -16.58
N ILE B 212 10.48 17.36 -16.86
CA ILE B 212 9.08 17.35 -16.42
C ILE B 212 8.14 18.11 -17.35
N VAL B 213 6.96 17.53 -17.57
CA VAL B 213 5.90 18.12 -18.40
C VAL B 213 4.61 18.07 -17.60
N SER B 214 3.79 19.12 -17.73
CA SER B 214 2.48 19.17 -17.06
C SER B 214 1.48 19.96 -17.89
N GLU B 215 0.29 19.41 -18.07
CA GLU B 215 -0.76 20.04 -18.86
C GLU B 215 -2.16 19.51 -18.53
N ARG B 216 -3.13 20.43 -18.50
CA ARG B 216 -4.53 20.10 -18.29
C ARG B 216 -5.12 19.30 -19.46
N VAL B 217 -5.67 18.12 -19.13
CA VAL B 217 -6.36 17.27 -20.09
C VAL B 217 -7.66 16.78 -19.44
N ASP B 218 -8.77 16.95 -20.15
CA ASP B 218 -10.06 16.50 -19.66
C ASP B 218 -10.36 15.11 -20.22
N LEU B 219 -10.35 14.10 -19.35
CA LEU B 219 -10.50 12.71 -19.77
C LEU B 219 -11.92 12.34 -20.18
N THR B 220 -12.91 13.06 -19.68
CA THR B 220 -14.32 12.71 -19.88
C THR B 220 -14.78 12.80 -21.33
N SER B 221 -14.23 13.75 -22.08
CA SER B 221 -14.62 13.95 -23.47
C SER B 221 -13.61 13.38 -24.47
N VAL B 222 -12.44 13.01 -23.98
CA VAL B 222 -11.39 12.47 -24.85
C VAL B 222 -11.37 10.94 -24.83
N LEU B 223 -11.37 10.37 -23.63
CA LEU B 223 -11.27 8.92 -23.47
C LEU B 223 -12.63 8.28 -23.17
N PRO B 224 -12.78 6.98 -23.51
CA PRO B 224 -13.98 6.24 -23.12
C PRO B 224 -13.97 5.91 -21.62
N GLU B 225 -15.08 5.37 -21.11
CA GLU B 225 -15.19 5.02 -19.69
C GLU B 225 -14.15 3.98 -19.29
N TRP B 226 -14.11 2.88 -20.04
CA TRP B 226 -13.16 1.81 -19.80
C TRP B 226 -12.04 1.87 -20.84
N VAL B 227 -10.80 1.73 -20.38
CA VAL B 227 -9.63 1.79 -21.27
C VAL B 227 -8.64 0.64 -21.07
N SER B 228 -7.85 0.39 -22.11
CA SER B 228 -6.69 -0.47 -22.00
C SER B 228 -5.46 0.40 -21.76
N VAL B 229 -4.68 0.01 -20.76
CA VAL B 229 -3.51 0.78 -20.35
C VAL B 229 -2.23 -0.03 -20.62
N GLY B 230 -1.27 0.60 -21.27
CA GLY B 230 0.00 -0.04 -21.58
C GLY B 230 0.96 0.79 -22.42
N PHE B 231 1.58 0.13 -23.41
CA PHE B 231 2.66 0.74 -24.17
C PHE B 231 2.52 0.63 -25.68
N SER B 232 3.16 1.55 -26.40
CA SER B 232 3.23 1.52 -27.86
C SER B 232 4.58 2.05 -28.32
N ALA B 233 5.22 1.32 -29.24
CA ALA B 233 6.52 1.71 -29.75
C ALA B 233 6.73 1.33 -31.22
N THR B 234 7.51 2.15 -31.93
CA THR B 234 7.88 1.88 -33.31
C THR B 234 9.34 2.18 -33.59
N THR B 235 9.89 1.51 -34.60
CA THR B 235 11.18 1.88 -35.16
C THR B 235 10.97 2.71 -36.44
N GLY B 236 12.06 3.06 -37.11
CA GLY B 236 12.01 3.93 -38.28
C GLY B 236 11.47 3.31 -39.55
N LEU B 237 11.19 4.15 -40.53
CA LEU B 237 10.73 3.71 -41.84
C LEU B 237 11.84 3.64 -42.87
N SER B 238 13.07 3.84 -42.41
CA SER B 238 14.26 3.58 -43.20
C SER B 238 15.19 2.67 -42.41
N LYS B 239 15.95 1.85 -43.13
CA LYS B 239 16.71 0.74 -42.52
C LYS B 239 17.79 1.18 -41.52
N GLY B 240 18.36 2.37 -41.74
CA GLY B 240 19.37 2.90 -40.85
C GLY B 240 18.83 3.37 -39.51
N TYR B 241 17.58 3.84 -39.51
CA TYR B 241 16.95 4.42 -38.32
C TYR B 241 16.27 3.35 -37.46
N VAL B 242 17.04 2.79 -36.53
CA VAL B 242 16.61 1.65 -35.72
C VAL B 242 16.99 1.81 -34.25
N GLU B 243 16.21 1.17 -33.38
CA GLU B 243 16.44 1.20 -31.93
C GLU B 243 15.64 0.09 -31.26
N THR B 244 16.12 -0.34 -30.10
CA THR B 244 15.31 -1.16 -29.21
C THR B 244 14.33 -0.24 -28.47
N ASN B 245 13.14 -0.77 -28.17
CA ASN B 245 12.19 -0.09 -27.29
C ASN B 245 11.72 -1.05 -26.22
N GLU B 246 12.54 -1.20 -25.18
CA GLU B 246 12.28 -2.15 -24.09
C GLU B 246 11.74 -1.46 -22.86
N VAL B 247 10.76 -2.10 -22.22
CA VAL B 247 10.31 -1.68 -20.89
C VAL B 247 10.78 -2.74 -19.90
N LEU B 248 11.57 -2.33 -18.91
CA LEU B 248 12.21 -3.26 -17.97
C LEU B 248 11.36 -3.55 -16.74
N SER B 249 10.60 -2.55 -16.29
CA SER B 249 9.63 -2.69 -15.20
C SER B 249 8.48 -1.68 -15.38
N TRP B 250 7.35 -1.95 -14.75
CA TRP B 250 6.14 -1.15 -14.93
C TRP B 250 5.18 -1.34 -13.76
N SER B 251 4.86 -0.24 -13.09
CA SER B 251 3.92 -0.24 -11.98
C SER B 251 2.76 0.71 -12.27
N PHE B 252 1.57 0.36 -11.78
CA PHE B 252 0.37 1.14 -12.06
C PHE B 252 -0.56 1.19 -10.85
N ALA B 253 -1.23 2.33 -10.70
CA ALA B 253 -2.21 2.52 -9.64
C ALA B 253 -3.33 3.41 -10.14
N SER B 254 -4.55 3.13 -9.66
CA SER B 254 -5.73 3.92 -10.01
C SER B 254 -6.75 3.83 -8.87
N LYS B 255 -7.41 4.95 -8.58
CA LYS B 255 -8.42 5.00 -7.53
C LYS B 255 -9.64 5.79 -8.00
N LEU B 256 -10.75 5.08 -8.19
CA LEU B 256 -12.00 5.67 -8.65
C LEU B 256 -12.97 5.78 -7.47
N SER B 257 -13.41 7.01 -7.19
CA SER B 257 -14.28 7.29 -6.06
C SER B 257 -15.72 6.84 -6.30
N ILE B 258 -16.53 6.86 -5.25
CA ILE B 258 -17.90 6.39 -5.30
C ILE B 258 -18.89 7.46 -5.80
N ASN B 259 -18.93 8.61 -5.13
CA ASN B 259 -19.82 9.72 -5.50
C ASN B 259 -19.12 11.09 -5.60
N LYS B 260 -18.24 11.38 -4.65
CA LYS B 260 -17.47 12.63 -4.67
C LYS B 260 -16.50 12.64 -5.84
N GLU B 261 -16.22 13.84 -6.37
CA GLU B 261 -15.33 14.02 -7.53
C GLU B 261 -14.08 13.13 -7.49
N ASP B 262 -13.31 13.23 -6.41
CA ASP B 262 -12.14 12.37 -6.17
C ASP B 262 -11.33 12.80 -4.94
N GLU B 263 -10.54 11.86 -4.42
CA GLU B 263 -9.52 12.15 -3.40
C GLU B 263 -8.13 11.94 -3.99
N GLU B 264 -7.21 12.85 -3.67
CA GLU B 264 -5.84 12.82 -4.21
C GLU B 264 -5.09 11.55 -3.82
N ASN B 265 -4.36 10.99 -4.77
CA ASN B 265 -3.62 9.75 -4.56
C ASN B 265 -2.34 9.96 -3.75
N LYS B 266 -1.87 8.90 -3.11
CA LYS B 266 -0.65 8.93 -2.34
C LYS B 266 0.52 8.43 -3.18
N LEU B 267 1.33 9.36 -3.68
CA LEU B 267 2.44 9.02 -4.56
C LEU B 267 3.62 8.45 -3.78
N ALA B 268 3.85 8.99 -2.58
CA ALA B 268 4.98 8.58 -1.75
C ALA B 268 5.24 7.08 -1.80
N ILE B 269 4.37 6.30 -1.16
CA ILE B 269 4.59 4.87 -1.01
C ILE B 269 4.56 4.08 -2.32
N PHE B 270 4.40 4.80 -3.44
CA PHE B 270 4.25 4.13 -4.73
C PHE B 270 5.54 3.47 -5.24
N ASN B 271 6.58 4.27 -5.43
CA ASN B 271 7.84 3.77 -5.97
C ASN B 271 8.48 2.70 -5.10
N LEU B 272 8.51 2.95 -3.78
CA LEU B 272 9.10 2.02 -2.85
C LEU B 272 8.44 0.65 -2.98
N GLU B 273 7.13 0.65 -3.15
CA GLU B 273 6.37 -0.58 -3.33
C GLU B 273 6.34 -0.96 -4.81
N GLY B 274 6.54 0.02 -5.67
CA GLY B 274 6.49 -0.19 -7.10
C GLY B 274 7.86 -0.23 -7.76
N LYS B 275 8.56 0.89 -7.70
CA LYS B 275 9.87 1.00 -8.35
C LYS B 275 11.00 0.54 -7.44
N ALA B 276 10.65 0.11 -6.23
CA ALA B 276 11.64 -0.35 -5.25
C ALA B 276 11.07 -0.31 -3.84
N ALA C 24 -8.10 12.33 4.24
CA ALA C 24 -8.04 11.05 5.01
C ALA C 24 -6.62 10.78 5.55
N ASN C 25 -6.48 10.90 6.86
CA ASN C 25 -5.19 10.69 7.51
C ASN C 25 -4.84 9.20 7.60
N LEU C 26 -3.58 8.88 7.30
CA LEU C 26 -3.08 7.52 7.35
C LEU C 26 -1.78 7.45 8.13
N ILE C 27 -1.50 6.28 8.70
CA ILE C 27 -0.27 6.02 9.43
C ILE C 27 0.05 4.53 9.35
N SER C 28 1.29 4.20 9.01
CA SER C 28 1.64 2.80 8.74
C SER C 28 3.12 2.51 8.99
N PHE C 29 3.39 1.36 9.58
CA PHE C 29 4.76 0.84 9.70
C PHE C 29 4.76 -0.68 9.76
N THR C 30 5.85 -1.30 9.31
CA THR C 30 6.02 -2.75 9.41
C THR C 30 7.42 -3.11 9.91
N PHE C 31 7.46 -3.96 10.93
CA PHE C 31 8.71 -4.48 11.46
C PHE C 31 8.99 -5.87 10.92
N LYS C 32 10.28 -6.19 10.82
CA LYS C 32 10.76 -7.55 10.57
C LYS C 32 11.98 -7.75 11.45
N LYS C 33 12.66 -6.63 11.72
CA LYS C 33 13.65 -6.54 12.78
C LYS C 33 13.39 -5.25 13.57
N PHE C 34 13.73 -5.25 14.85
CA PHE C 34 13.42 -4.15 15.76
C PHE C 34 14.60 -3.23 16.05
N ASN C 35 14.29 -2.03 16.51
CA ASN C 35 15.27 -1.03 16.91
C ASN C 35 14.80 -0.26 18.15
N GLU C 36 15.74 0.17 18.98
CA GLU C 36 15.40 0.87 20.23
C GLU C 36 14.94 2.32 19.98
N THR C 37 15.33 2.87 18.84
CA THR C 37 15.14 4.30 18.55
C THR C 37 13.69 4.70 18.25
N ASN C 38 13.00 3.91 17.43
CA ASN C 38 11.62 4.21 17.05
C ASN C 38 10.57 3.65 18.02
N LEU C 39 10.99 3.39 19.26
CA LEU C 39 10.11 2.87 20.29
C LEU C 39 10.26 3.62 21.60
N ILE C 40 9.19 3.63 22.40
CA ILE C 40 9.25 4.06 23.79
C ILE C 40 9.36 2.79 24.63
N LEU C 41 10.46 2.66 25.39
CA LEU C 41 10.73 1.44 26.14
C LEU C 41 10.66 1.67 27.65
N GLN C 42 9.80 0.90 28.30
CA GLN C 42 9.54 1.07 29.73
C GLN C 42 9.93 -0.20 30.49
N ARG C 43 10.61 0.00 31.62
CA ARG C 43 11.03 -1.08 32.53
C ARG C 43 12.10 -2.01 31.92
N ASP C 44 11.77 -3.29 31.80
CA ASP C 44 12.74 -4.31 31.35
C ASP C 44 12.84 -4.44 29.83
N ALA C 45 11.91 -3.79 29.12
CA ALA C 45 11.87 -3.86 27.65
C ALA C 45 13.21 -3.51 27.02
N THR C 46 13.77 -4.46 26.28
CA THR C 46 15.07 -4.31 25.63
C THR C 46 15.02 -4.82 24.18
N VAL C 47 15.87 -4.25 23.33
CA VAL C 47 16.04 -4.74 21.96
C VAL C 47 17.43 -5.37 21.81
N SER C 48 17.46 -6.68 21.66
CA SER C 48 18.73 -7.40 21.42
C SER C 48 18.66 -8.30 20.19
N SER C 49 19.71 -8.26 19.38
CA SER C 49 19.81 -9.02 18.12
C SER C 49 18.60 -8.84 17.19
N GLY C 50 17.97 -7.68 17.24
CA GLY C 50 16.86 -7.35 16.35
C GLY C 50 15.49 -7.82 16.83
N LYS C 51 15.43 -8.32 18.06
CA LYS C 51 14.18 -8.82 18.63
C LYS C 51 13.73 -7.95 19.80
N LEU C 52 12.42 -7.68 19.84
CA LEU C 52 11.84 -6.93 20.96
C LEU C 52 11.55 -7.88 22.13
N ARG C 53 12.43 -7.85 23.13
CA ARG C 53 12.25 -8.65 24.35
C ARG C 53 11.60 -7.78 25.44
N ILE C 54 10.31 -8.00 25.67
CA ILE C 54 9.55 -7.18 26.62
C ILE C 54 9.90 -7.52 28.08
N THR C 55 10.31 -8.76 28.33
CA THR C 55 10.68 -9.19 29.68
C THR C 55 12.13 -9.68 29.76
N LYS C 56 12.62 -9.83 30.99
CA LYS C 56 14.03 -10.17 31.26
C LYS C 56 14.49 -11.47 30.62
N ALA C 57 15.62 -11.40 29.92
CA ALA C 57 16.29 -12.57 29.35
C ALA C 57 17.79 -12.44 29.61
N ALA C 58 18.27 -13.25 30.57
CA ALA C 58 19.63 -13.15 31.10
C ALA C 58 20.73 -13.47 30.09
N GLU C 59 21.98 -13.29 30.53
CA GLU C 59 23.16 -13.54 29.70
C GLU C 59 23.52 -15.03 29.62
N ASN C 60 22.51 -15.88 29.79
CA ASN C 60 22.64 -17.32 29.58
C ASN C 60 21.58 -17.81 28.60
N GLY C 61 20.49 -17.05 28.51
CA GLY C 61 19.34 -17.42 27.68
C GLY C 61 18.19 -17.90 28.55
N VAL C 62 18.16 -17.43 29.80
CA VAL C 62 17.16 -17.85 30.77
C VAL C 62 16.19 -16.69 31.04
N PRO C 63 14.87 -16.96 30.94
CA PRO C 63 13.88 -15.99 31.37
C PRO C 63 13.92 -15.81 32.89
N THR C 64 13.66 -14.58 33.34
CA THR C 64 13.64 -14.28 34.77
C THR C 64 12.21 -13.96 35.22
N ALA C 65 11.86 -14.44 36.40
CA ALA C 65 10.57 -14.15 37.02
C ALA C 65 10.59 -12.73 37.61
N GLY C 66 9.40 -12.18 37.84
CA GLY C 66 9.27 -10.84 38.42
C GLY C 66 9.45 -9.69 37.46
N SER C 67 9.69 -10.01 36.19
CA SER C 67 9.98 -9.01 35.16
C SER C 67 8.72 -8.39 34.56
N LEU C 68 8.80 -7.09 34.27
CA LEU C 68 7.74 -6.33 33.64
C LEU C 68 8.36 -5.43 32.57
N GLY C 69 7.64 -5.22 31.48
CA GLY C 69 8.11 -4.34 30.42
C GLY C 69 7.01 -3.81 29.53
N ARG C 70 7.27 -2.67 28.90
CA ARG C 70 6.34 -2.05 27.96
C ARG C 70 7.08 -1.47 26.76
N ALA C 71 6.49 -1.63 25.58
CA ALA C 71 7.05 -1.07 24.35
C ALA C 71 5.96 -0.42 23.52
N PHE C 72 6.14 0.84 23.17
CA PHE C 72 5.17 1.58 22.37
C PHE C 72 5.82 2.34 21.23
N TYR C 73 5.09 2.48 20.13
CA TYR C 73 5.50 3.29 18.99
C TYR C 73 5.61 4.77 19.41
N SER C 74 6.66 5.43 18.92
CA SER C 74 6.99 6.80 19.34
C SER C 74 5.96 7.84 18.88
N THR C 75 5.26 7.55 17.80
CA THR C 75 4.23 8.45 17.27
C THR C 75 2.84 8.04 17.76
N PRO C 76 2.15 8.97 18.47
CA PRO C 76 0.78 8.75 18.93
C PRO C 76 -0.19 8.62 17.76
N ILE C 77 -1.32 7.96 18.00
CA ILE C 77 -2.31 7.68 16.97
C ILE C 77 -3.71 8.14 17.41
N GLN C 78 -4.41 8.82 16.49
CA GLN C 78 -5.77 9.27 16.74
C GLN C 78 -6.77 8.17 16.41
N ILE C 79 -7.45 7.66 17.43
CA ILE C 79 -8.43 6.58 17.23
C ILE C 79 -9.88 7.05 17.16
N TRP C 80 -10.13 8.29 17.61
CA TRP C 80 -11.42 8.97 17.37
C TRP C 80 -11.29 10.48 17.41
N ASP C 81 -12.10 11.16 16.60
CA ASP C 81 -12.15 12.62 16.58
C ASP C 81 -13.52 13.11 17.06
N ASN C 82 -13.49 14.04 18.00
CA ASN C 82 -14.69 14.59 18.62
C ASN C 82 -15.46 15.53 17.70
N THR C 83 -14.73 16.47 17.10
CA THR C 83 -15.33 17.56 16.30
C THR C 83 -15.91 17.09 14.96
N THR C 84 -15.50 15.91 14.51
CA THR C 84 -15.99 15.34 13.25
C THR C 84 -16.88 14.13 13.50
N GLY C 85 -16.81 13.60 14.73
CA GLY C 85 -17.64 12.49 15.16
C GLY C 85 -17.17 11.10 14.71
N THR C 86 -16.14 11.05 13.87
CA THR C 86 -15.71 9.79 13.29
C THR C 86 -14.67 9.05 14.13
N VAL C 87 -14.73 7.71 14.06
CA VAL C 87 -13.80 6.83 14.76
C VAL C 87 -12.86 6.20 13.73
N ALA C 88 -11.58 6.09 14.09
CA ALA C 88 -10.58 5.51 13.19
C ALA C 88 -10.72 4.00 13.08
N SER C 89 -10.42 3.46 11.90
CA SER C 89 -10.36 2.03 11.68
C SER C 89 -8.91 1.60 11.55
N TRP C 90 -8.50 0.65 12.40
CA TRP C 90 -7.10 0.21 12.44
C TRP C 90 -6.92 -1.30 12.31
N ALA C 91 -5.66 -1.73 12.29
CA ALA C 91 -5.30 -3.15 12.27
C ALA C 91 -3.83 -3.33 12.64
N THR C 92 -3.54 -4.36 13.43
CA THR C 92 -2.17 -4.72 13.76
C THR C 92 -1.89 -6.19 13.50
N SER C 93 -0.62 -6.51 13.23
CA SER C 93 -0.19 -7.89 13.03
C SER C 93 1.23 -8.09 13.53
N PHE C 94 1.39 -9.01 14.47
CA PHE C 94 2.67 -9.26 15.10
C PHE C 94 2.94 -10.74 15.33
N THR C 95 4.19 -11.15 15.13
CA THR C 95 4.61 -12.51 15.43
C THR C 95 5.33 -12.50 16.76
N PHE C 96 4.74 -13.19 17.75
CA PHE C 96 5.33 -13.27 19.08
C PHE C 96 5.63 -14.69 19.51
N ASN C 97 6.70 -14.85 20.29
CA ASN C 97 7.14 -16.15 20.76
C ASN C 97 7.26 -16.20 22.27
N LEU C 98 6.58 -17.17 22.88
CA LEU C 98 6.67 -17.40 24.32
C LEU C 98 7.42 -18.70 24.56
N GLN C 99 8.63 -18.57 25.09
CA GLN C 99 9.49 -19.72 25.36
C GLN C 99 9.63 -19.94 26.85
N ALA C 100 9.00 -20.99 27.34
CA ALA C 100 9.09 -21.36 28.75
C ALA C 100 9.91 -22.64 28.92
N PRO C 101 10.87 -22.62 29.86
CA PRO C 101 11.64 -23.82 30.20
C PRO C 101 10.75 -24.90 30.81
N ASN C 102 9.76 -24.48 31.60
CA ASN C 102 8.76 -25.38 32.15
C ASN C 102 7.34 -24.90 31.84
N ALA C 103 6.72 -25.56 30.86
CA ALA C 103 5.36 -25.22 30.41
C ALA C 103 4.31 -25.46 31.48
N ALA C 104 4.68 -26.22 32.52
CA ALA C 104 3.78 -26.54 33.63
C ALA C 104 3.67 -25.39 34.62
N SER C 105 4.75 -24.60 34.74
CA SER C 105 4.75 -23.42 35.58
C SER C 105 5.09 -22.14 34.78
N PRO C 106 4.17 -21.68 33.93
CA PRO C 106 4.41 -20.45 33.17
C PRO C 106 3.60 -19.25 33.66
N ALA C 107 4.18 -18.06 33.48
CA ALA C 107 3.53 -16.81 33.85
C ALA C 107 4.29 -15.64 33.19
N ASP C 108 3.58 -14.61 32.73
CA ASP C 108 2.12 -14.50 32.81
C ASP C 108 1.48 -14.34 31.44
N GLY C 109 2.21 -13.74 30.51
CA GLY C 109 1.73 -13.54 29.15
C GLY C 109 2.10 -12.17 28.59
N LEU C 110 1.63 -11.89 27.37
CA LEU C 110 1.81 -10.58 26.75
C LEU C 110 0.50 -10.09 26.12
N ALA C 111 0.44 -8.79 25.86
CA ALA C 111 -0.76 -8.18 25.30
C ALA C 111 -0.43 -7.04 24.34
N PHE C 112 -1.26 -6.90 23.30
CA PHE C 112 -1.27 -5.68 22.50
C PHE C 112 -2.24 -4.70 23.16
N ALA C 113 -1.83 -3.45 23.26
CA ALA C 113 -2.61 -2.46 24.00
C ALA C 113 -2.69 -1.10 23.31
N LEU C 114 -3.69 -0.33 23.70
CA LEU C 114 -3.81 1.07 23.35
C LEU C 114 -3.99 1.83 24.66
N VAL C 115 -3.10 2.78 24.92
CA VAL C 115 -3.04 3.46 26.22
C VAL C 115 -2.71 4.95 26.03
N PRO C 116 -3.23 5.83 26.91
CA PRO C 116 -2.82 7.24 26.91
C PRO C 116 -1.33 7.39 26.67
N VAL C 117 -1.00 8.32 25.77
CA VAL C 117 0.35 8.49 25.19
C VAL C 117 1.52 8.22 26.14
N GLY C 118 1.52 8.91 27.29
CA GLY C 118 2.61 8.78 28.26
C GLY C 118 2.23 8.05 29.54
N SER C 119 1.33 7.08 29.42
CA SER C 119 0.84 6.31 30.57
C SER C 119 1.84 5.25 31.00
N GLN C 120 1.86 4.97 32.30
CA GLN C 120 2.85 4.07 32.91
C GLN C 120 2.26 2.69 33.20
N PRO C 121 3.12 1.65 33.27
CA PRO C 121 2.65 0.32 33.66
C PRO C 121 2.12 0.30 35.10
N LYS C 122 1.27 -0.68 35.40
CA LYS C 122 0.65 -0.76 36.72
C LYS C 122 1.07 -2.00 37.50
N ASP C 123 0.15 -2.93 37.72
CA ASP C 123 0.39 -4.10 38.57
C ASP C 123 1.26 -5.17 37.91
N LYS C 124 2.16 -5.74 38.70
CA LYS C 124 3.14 -6.72 38.24
C LYS C 124 2.57 -8.13 38.26
N GLY C 125 2.72 -8.84 37.13
CA GLY C 125 2.32 -10.24 37.03
C GLY C 125 1.09 -10.46 36.18
N GLY C 126 0.07 -11.07 36.77
CA GLY C 126 -1.18 -11.44 36.08
C GLY C 126 -2.01 -10.27 35.59
N PHE C 127 -1.70 -9.07 36.08
CA PHE C 127 -2.36 -7.86 35.61
C PHE C 127 -1.67 -7.30 34.37
N LEU C 128 -0.59 -7.96 33.97
CA LEU C 128 0.12 -7.74 32.69
C LEU C 128 0.73 -6.35 32.52
N GLY C 129 0.81 -5.60 33.63
CA GLY C 129 1.34 -4.23 33.61
C GLY C 129 0.42 -3.27 32.88
N LEU C 130 -0.88 -3.53 32.95
CA LEU C 130 -1.87 -2.73 32.24
C LEU C 130 -3.01 -2.24 33.13
N PHE C 131 -3.46 -3.09 34.05
CA PHE C 131 -4.63 -2.81 34.89
C PHE C 131 -4.36 -3.03 36.38
N ASP C 132 -5.31 -2.61 37.20
CA ASP C 132 -5.20 -2.68 38.66
C ASP C 132 -6.07 -3.79 39.27
N SER C 133 -7.34 -3.82 38.87
CA SER C 133 -8.31 -4.77 39.44
C SER C 133 -9.26 -5.37 38.40
N LYS C 134 -10.22 -6.15 38.88
CA LYS C 134 -11.20 -6.83 38.04
C LYS C 134 -12.32 -5.90 37.54
N ASN C 135 -12.45 -4.73 38.17
CA ASN C 135 -13.51 -3.78 37.83
C ASN C 135 -13.22 -2.92 36.60
N TYR C 136 -14.30 -2.48 35.96
CA TYR C 136 -14.23 -1.61 34.78
C TYR C 136 -13.92 -0.18 35.21
N ALA C 137 -12.64 0.19 35.11
CA ALA C 137 -12.19 1.52 35.55
C ALA C 137 -11.57 2.35 34.42
N SER C 138 -12.32 3.35 33.95
CA SER C 138 -11.91 4.16 32.81
C SER C 138 -11.12 5.42 33.19
N SER C 139 -10.40 5.34 34.31
CA SER C 139 -9.43 6.37 34.68
C SER C 139 -8.10 6.03 34.02
N ASN C 140 -7.93 4.73 33.77
CA ASN C 140 -6.75 4.19 33.12
C ASN C 140 -6.89 4.20 31.60
N GLN C 141 -8.14 4.23 31.13
CA GLN C 141 -8.47 4.32 29.70
C GLN C 141 -7.62 3.38 28.85
N THR C 142 -7.63 2.09 29.16
CA THR C 142 -6.77 1.13 28.49
C THR C 142 -7.56 0.00 27.83
N VAL C 143 -7.50 -0.04 26.49
CA VAL C 143 -7.99 -1.18 25.72
C VAL C 143 -6.79 -2.09 25.44
N ALA C 144 -6.96 -3.38 25.73
CA ALA C 144 -5.91 -4.36 25.50
C ALA C 144 -6.46 -5.65 24.92
N VAL C 145 -5.61 -6.35 24.16
CA VAL C 145 -5.91 -7.70 23.70
C VAL C 145 -4.83 -8.61 24.28
N GLU C 146 -5.23 -9.41 25.27
CA GLU C 146 -4.28 -10.22 26.02
C GLU C 146 -4.09 -11.62 25.45
N PHE C 147 -2.92 -12.18 25.71
CA PHE C 147 -2.60 -13.56 25.37
C PHE C 147 -2.10 -14.20 26.65
N ASP C 148 -3.01 -14.88 27.32
CA ASP C 148 -2.86 -15.29 28.71
C ASP C 148 -2.48 -16.76 28.82
N THR C 149 -1.42 -17.02 29.57
CA THR C 149 -0.89 -18.37 29.73
C THR C 149 -0.85 -18.79 31.21
N PHE C 150 -1.66 -18.13 32.03
CA PHE C 150 -1.76 -18.46 33.45
C PHE C 150 -3.18 -18.28 34.00
N TYR C 151 -3.57 -19.21 34.87
CA TYR C 151 -4.89 -19.25 35.46
C TYR C 151 -4.93 -18.40 36.75
N ASN C 152 -5.23 -17.11 36.58
CA ASN C 152 -5.45 -16.22 37.72
C ASN C 152 -6.79 -16.49 38.41
N GLY C 153 -7.66 -17.20 37.69
CA GLY C 153 -8.83 -17.84 38.27
C GLY C 153 -10.06 -16.99 38.55
N GLY C 154 -9.91 -16.01 39.44
CA GLY C 154 -11.01 -15.15 39.86
C GLY C 154 -11.59 -14.31 38.74
N TRP C 155 -10.81 -14.17 37.66
CA TRP C 155 -11.26 -13.47 36.46
C TRP C 155 -10.94 -14.26 35.18
N ASP C 156 -10.02 -15.21 35.28
CA ASP C 156 -9.60 -16.04 34.14
C ASP C 156 -10.42 -17.32 33.99
N PRO C 157 -10.69 -17.71 32.73
CA PRO C 157 -11.30 -19.01 32.42
C PRO C 157 -10.30 -20.15 32.67
N THR C 158 -10.77 -21.39 32.50
CA THR C 158 -9.99 -22.59 32.85
C THR C 158 -8.55 -22.60 32.33
N GLU C 159 -8.39 -22.63 31.00
CA GLU C 159 -7.07 -22.80 30.39
C GLU C 159 -6.53 -21.55 29.69
N ARG C 160 -5.41 -21.73 28.98
CA ARG C 160 -4.77 -20.66 28.21
C ARG C 160 -5.76 -20.03 27.25
N HIS C 161 -5.76 -18.70 27.18
CA HIS C 161 -6.82 -17.98 26.47
C HIS C 161 -6.39 -16.65 25.86
N ILE C 162 -7.10 -16.26 24.80
CA ILE C 162 -6.98 -14.93 24.23
C ILE C 162 -8.17 -14.11 24.72
N GLY C 163 -7.88 -12.97 25.32
CA GLY C 163 -8.93 -12.11 25.87
C GLY C 163 -8.88 -10.69 25.36
N ILE C 164 -10.06 -10.08 25.22
CA ILE C 164 -10.16 -8.66 24.93
C ILE C 164 -10.41 -7.91 26.24
N ASP C 165 -9.52 -6.96 26.55
CA ASP C 165 -9.59 -6.20 27.79
C ASP C 165 -10.08 -4.78 27.55
N VAL C 166 -11.00 -4.35 28.38
CA VAL C 166 -11.55 -2.98 28.32
C VAL C 166 -11.58 -2.42 29.75
N ASN C 167 -10.61 -1.55 30.06
CA ASN C 167 -10.47 -0.92 31.38
C ASN C 167 -10.34 -1.91 32.56
N SER C 168 -10.35 -3.21 32.23
CA SER C 168 -10.39 -4.27 33.24
C SER C 168 -9.52 -5.47 32.84
N ILE C 169 -8.89 -6.08 33.83
CA ILE C 169 -8.11 -7.30 33.61
C ILE C 169 -9.02 -8.52 33.45
N LYS C 170 -10.26 -8.40 33.93
CA LYS C 170 -11.29 -9.39 33.67
C LYS C 170 -11.84 -9.14 32.27
N SER C 171 -11.30 -9.89 31.30
CA SER C 171 -11.64 -9.75 29.88
C SER C 171 -13.14 -9.67 29.63
N ILE C 172 -13.55 -8.79 28.71
CA ILE C 172 -14.96 -8.67 28.33
C ILE C 172 -15.44 -9.89 27.55
N LYS C 173 -14.51 -10.56 26.86
CA LYS C 173 -14.77 -11.80 26.15
C LYS C 173 -13.45 -12.56 25.99
N THR C 174 -13.54 -13.89 25.99
CA THR C 174 -12.35 -14.76 25.90
C THR C 174 -12.58 -15.92 24.94
N THR C 175 -11.48 -16.43 24.39
CA THR C 175 -11.52 -17.62 23.54
C THR C 175 -10.43 -18.60 23.96
N SER C 176 -10.69 -19.89 23.78
CA SER C 176 -9.74 -20.96 24.12
C SER C 176 -8.48 -20.87 23.27
N TRP C 177 -7.33 -21.16 23.89
CA TRP C 177 -6.05 -21.09 23.19
C TRP C 177 -5.15 -22.28 23.51
N ASP C 178 -4.87 -23.10 22.50
CA ASP C 178 -3.89 -24.16 22.60
C ASP C 178 -2.49 -23.56 22.51
N PHE C 179 -2.00 -23.08 23.65
CA PHE C 179 -0.69 -22.45 23.77
C PHE C 179 0.42 -23.40 23.29
N ALA C 180 1.01 -23.08 22.15
CA ALA C 180 2.12 -23.86 21.60
C ALA C 180 3.44 -23.26 22.05
N ASN C 181 3.99 -23.83 23.13
CA ASN C 181 5.18 -23.30 23.79
C ASN C 181 6.41 -23.28 22.88
N GLY C 182 7.12 -22.16 22.89
CA GLY C 182 8.33 -21.97 22.10
C GLY C 182 8.10 -21.90 20.60
N GLU C 183 6.84 -21.76 20.20
CA GLU C 183 6.47 -21.71 18.79
C GLU C 183 5.90 -20.34 18.44
N ASN C 184 6.29 -19.82 17.28
CA ASN C 184 5.80 -18.53 16.78
C ASN C 184 4.28 -18.43 16.77
N ALA C 185 3.77 -17.29 17.20
CA ALA C 185 2.33 -17.01 17.21
C ALA C 185 2.05 -15.73 16.40
N GLU C 186 1.27 -15.89 15.33
CA GLU C 186 1.00 -14.79 14.42
C GLU C 186 -0.41 -14.25 14.64
N VAL C 187 -0.50 -12.97 14.99
CA VAL C 187 -1.74 -12.34 15.42
C VAL C 187 -2.21 -11.29 14.42
N LEU C 188 -3.53 -11.19 14.26
CA LEU C 188 -4.13 -10.07 13.55
C LEU C 188 -5.31 -9.50 14.34
N ILE C 189 -5.18 -8.24 14.73
CA ILE C 189 -6.23 -7.52 15.46
C ILE C 189 -6.77 -6.41 14.57
N THR C 190 -8.09 -6.40 14.40
CA THR C 190 -8.73 -5.42 13.51
C THR C 190 -9.89 -4.72 14.19
N TYR C 191 -9.99 -3.41 13.94
CA TYR C 191 -11.12 -2.62 14.38
C TYR C 191 -11.70 -1.86 13.20
N ASP C 192 -13.01 -1.97 13.03
CA ASP C 192 -13.71 -1.26 11.97
C ASP C 192 -14.66 -0.25 12.60
N SER C 193 -15.02 0.78 11.84
CA SER C 193 -15.84 1.88 12.36
C SER C 193 -17.34 1.69 12.15
N SER C 194 -17.71 1.01 11.07
CA SER C 194 -19.13 0.75 10.78
C SER C 194 -19.68 -0.40 11.63
N THR C 195 -18.80 -1.28 12.07
CA THR C 195 -19.20 -2.47 12.84
C THR C 195 -18.77 -2.41 14.31
N ASN C 196 -17.69 -1.67 14.58
CA ASN C 196 -17.10 -1.55 15.92
C ASN C 196 -16.68 -2.89 16.54
N LEU C 197 -16.56 -3.90 15.69
CA LEU C 197 -16.20 -5.23 16.14
C LEU C 197 -14.69 -5.36 16.20
N LEU C 198 -14.16 -5.27 17.42
CA LEU C 198 -12.75 -5.54 17.66
C LEU C 198 -12.55 -7.04 17.49
N VAL C 199 -11.78 -7.42 16.48
CA VAL C 199 -11.53 -8.83 16.19
C VAL C 199 -10.04 -9.13 16.38
N ALA C 200 -9.75 -10.21 17.12
CA ALA C 200 -8.38 -10.63 17.38
C ALA C 200 -8.20 -12.12 17.12
N SER C 201 -7.28 -12.44 16.21
CA SER C 201 -7.02 -13.82 15.80
C SER C 201 -5.58 -14.23 16.09
N LEU C 202 -5.36 -15.55 16.22
CA LEU C 202 -4.03 -16.10 16.45
C LEU C 202 -3.86 -17.42 15.71
N VAL C 203 -2.75 -17.56 15.01
CA VAL C 203 -2.40 -18.81 14.33
C VAL C 203 -1.05 -19.35 14.80
N HIS C 204 -0.96 -20.67 14.87
CA HIS C 204 0.30 -21.35 15.17
C HIS C 204 0.67 -22.28 14.01
N PRO C 205 1.36 -21.73 12.98
CA PRO C 205 1.67 -22.46 11.74
C PRO C 205 2.37 -23.80 11.90
N SER C 206 3.16 -23.96 12.97
CA SER C 206 3.85 -25.23 13.22
C SER C 206 2.89 -26.32 13.70
N GLN C 207 1.86 -25.92 14.44
CA GLN C 207 0.82 -26.84 14.89
C GLN C 207 -0.45 -26.71 14.04
N LYS C 208 -0.37 -25.85 13.02
CA LYS C 208 -1.44 -25.62 12.03
C LYS C 208 -2.79 -25.30 12.69
N THR C 209 -2.75 -24.52 13.77
CA THR C 209 -3.94 -24.19 14.55
C THR C 209 -4.32 -22.72 14.42
N SER C 210 -5.56 -22.39 14.80
CA SER C 210 -6.09 -21.04 14.66
C SER C 210 -7.25 -20.77 15.63
N PHE C 211 -7.25 -19.58 16.23
CA PHE C 211 -8.27 -19.17 17.21
C PHE C 211 -8.66 -17.71 17.01
N ILE C 212 -9.91 -17.37 17.38
CA ILE C 212 -10.45 -16.04 17.09
C ILE C 212 -11.36 -15.47 18.20
N VAL C 213 -11.22 -14.17 18.49
CA VAL C 213 -12.08 -13.45 19.43
C VAL C 213 -12.72 -12.27 18.72
N SER C 214 -14.00 -12.00 19.02
CA SER C 214 -14.72 -10.90 18.38
C SER C 214 -15.77 -10.27 19.30
N GLU C 215 -15.62 -8.98 19.59
CA GLU C 215 -16.59 -8.25 20.41
C GLU C 215 -16.72 -6.80 19.97
N ARG C 216 -17.95 -6.28 20.05
CA ARG C 216 -18.23 -4.89 19.70
C ARG C 216 -17.70 -3.95 20.80
N VAL C 217 -16.65 -3.20 20.45
CA VAL C 217 -16.02 -2.26 21.36
C VAL C 217 -16.10 -0.85 20.76
N ASP C 218 -16.41 0.14 21.60
CA ASP C 218 -16.49 1.52 21.16
C ASP C 218 -15.40 2.37 21.83
N LEU C 219 -14.51 2.93 21.01
CA LEU C 219 -13.28 3.57 21.47
C LEU C 219 -13.48 4.97 22.06
N THR C 220 -14.58 5.62 21.68
CA THR C 220 -14.92 6.97 22.18
C THR C 220 -15.20 6.95 23.67
N SER C 221 -15.86 5.89 24.13
CA SER C 221 -16.25 5.72 25.52
C SER C 221 -15.08 5.30 26.42
N VAL C 222 -14.10 4.63 25.83
CA VAL C 222 -13.02 4.00 26.59
C VAL C 222 -11.70 4.76 26.52
N LEU C 223 -11.18 4.94 25.31
CA LEU C 223 -9.86 5.55 25.09
C LEU C 223 -9.97 7.05 24.83
N PRO C 224 -8.92 7.81 25.20
CA PRO C 224 -8.87 9.22 24.81
C PRO C 224 -8.57 9.35 23.31
N GLU C 225 -8.77 10.54 22.76
CA GLU C 225 -8.57 10.78 21.32
C GLU C 225 -7.25 10.24 20.77
N TRP C 226 -6.17 10.46 21.51
CA TRP C 226 -4.83 10.05 21.09
C TRP C 226 -4.24 9.04 22.06
N VAL C 227 -3.71 7.95 21.50
CA VAL C 227 -3.14 6.87 22.31
C VAL C 227 -1.77 6.46 21.77
N SER C 228 -1.03 5.69 22.57
CA SER C 228 0.15 5.00 22.10
C SER C 228 -0.15 3.52 21.98
N VAL C 229 0.15 2.95 20.81
CA VAL C 229 -0.06 1.54 20.57
C VAL C 229 1.24 0.78 20.80
N GLY C 230 1.11 -0.46 21.27
CA GLY C 230 2.27 -1.30 21.53
C GLY C 230 1.98 -2.50 22.41
N PHE C 231 2.95 -2.85 23.24
CA PHE C 231 2.92 -4.12 23.97
C PHE C 231 3.29 -3.96 25.44
N SER C 232 2.81 -4.91 26.23
CA SER C 232 3.12 -5.02 27.66
C SER C 232 3.14 -6.51 28.02
N ALA C 233 4.21 -6.94 28.68
CA ALA C 233 4.36 -8.35 29.05
C ALA C 233 4.98 -8.50 30.42
N THR C 234 4.66 -9.61 31.09
CA THR C 234 5.12 -9.86 32.45
C THR C 234 5.56 -11.31 32.65
N THR C 235 6.29 -11.55 33.73
CA THR C 235 6.58 -12.90 34.20
C THR C 235 5.99 -13.14 35.60
N GLY C 236 6.29 -14.28 36.20
CA GLY C 236 5.64 -14.72 37.44
C GLY C 236 5.91 -13.92 38.70
N LEU C 237 4.94 -13.94 39.61
CA LEU C 237 5.12 -13.39 40.96
C LEU C 237 5.79 -14.45 41.84
N SER C 238 5.88 -15.67 41.31
CA SER C 238 6.61 -16.76 41.96
C SER C 238 8.09 -16.68 41.59
N LYS C 239 8.85 -17.71 41.96
CA LYS C 239 10.29 -17.74 41.69
C LYS C 239 10.63 -18.55 40.45
N GLY C 240 9.86 -19.61 40.21
CA GLY C 240 10.11 -20.53 39.09
C GLY C 240 9.14 -20.40 37.93
N TYR C 241 8.26 -19.40 38.00
CA TYR C 241 7.31 -19.13 36.92
C TYR C 241 7.93 -18.20 35.87
N VAL C 242 8.59 -18.82 34.90
CA VAL C 242 9.42 -18.11 33.94
C VAL C 242 9.05 -18.40 32.49
N GLU C 243 9.11 -17.37 31.66
CA GLU C 243 8.90 -17.49 30.21
C GLU C 243 9.47 -16.27 29.48
N THR C 244 9.80 -16.44 28.21
CA THR C 244 10.19 -15.32 27.37
C THR C 244 8.92 -14.73 26.74
N ASN C 245 8.95 -13.42 26.52
CA ASN C 245 7.82 -12.71 25.92
C ASN C 245 8.31 -11.80 24.80
N GLU C 246 8.65 -12.40 23.67
CA GLU C 246 9.30 -11.68 22.57
C GLU C 246 8.37 -11.38 21.41
N VAL C 247 8.60 -10.24 20.78
CA VAL C 247 7.92 -9.89 19.52
C VAL C 247 8.98 -9.85 18.42
N LEU C 248 8.75 -10.61 17.36
CA LEU C 248 9.73 -10.76 16.28
C LEU C 248 9.46 -9.80 15.12
N SER C 249 8.21 -9.35 15.02
CA SER C 249 7.77 -8.46 13.94
C SER C 249 6.47 -7.77 14.34
N TRP C 250 6.21 -6.60 13.77
CA TRP C 250 5.04 -5.81 14.12
C TRP C 250 4.61 -4.88 12.99
N SER C 251 3.37 -5.02 12.55
CA SER C 251 2.77 -4.10 11.59
C SER C 251 1.56 -3.41 12.22
N PHE C 252 1.33 -2.17 11.82
CA PHE C 252 0.16 -1.40 12.26
C PHE C 252 -0.21 -0.39 11.17
N ALA C 253 -1.52 -0.17 11.01
CA ALA C 253 -2.05 0.82 10.08
C ALA C 253 -3.42 1.30 10.55
N SER C 254 -3.64 2.61 10.43
CA SER C 254 -4.90 3.23 10.85
C SER C 254 -5.39 4.25 9.84
N LYS C 255 -6.71 4.38 9.74
CA LYS C 255 -7.34 5.34 8.84
C LYS C 255 -8.53 6.00 9.54
N LEU C 256 -8.46 7.33 9.67
CA LEU C 256 -9.55 8.10 10.27
C LEU C 256 -10.34 8.82 9.17
N SER C 257 -11.59 8.43 9.00
CA SER C 257 -12.44 8.95 7.92
C SER C 257 -12.89 10.39 8.20
N ILE C 258 -12.82 11.22 7.15
CA ILE C 258 -13.19 12.63 7.26
C ILE C 258 -14.63 12.83 6.79
N ASN C 259 -15.28 13.88 7.30
CA ASN C 259 -16.70 14.17 7.05
C ASN C 259 -17.61 13.14 7.74
N LYS C 260 -18.52 12.53 6.98
CA LYS C 260 -19.36 11.45 7.48
C LYS C 260 -19.18 10.17 6.66
N GLU C 264 -15.47 1.46 4.66
CA GLU C 264 -14.56 0.51 5.31
C GLU C 264 -13.12 0.75 4.90
N ASN C 265 -12.19 0.08 5.58
CA ASN C 265 -10.77 0.20 5.30
C ASN C 265 -10.26 -0.98 4.48
N LYS C 266 -9.02 -0.88 4.01
CA LYS C 266 -8.43 -1.96 3.23
C LYS C 266 -7.52 -2.82 4.10
N LEU C 267 -7.90 -4.09 4.24
CA LEU C 267 -7.14 -5.03 5.07
C LEU C 267 -6.24 -5.91 4.22
N ALA C 268 -6.85 -6.71 3.36
CA ALA C 268 -6.10 -7.65 2.51
C ALA C 268 -4.70 -7.15 2.20
N ILE C 269 -4.58 -5.86 1.90
CA ILE C 269 -3.29 -5.27 1.54
C ILE C 269 -2.38 -5.06 2.74
N PHE C 270 -2.95 -5.16 3.94
CA PHE C 270 -2.19 -4.93 5.16
C PHE C 270 -1.50 -6.18 5.69
N ASN C 271 -2.21 -7.31 5.66
CA ASN C 271 -1.71 -8.55 6.26
C ASN C 271 -0.45 -9.09 5.59
N LEU C 272 -0.43 -9.12 4.26
CA LEU C 272 0.74 -9.57 3.53
C LEU C 272 1.93 -8.66 3.85
N GLU C 273 1.64 -7.38 4.00
CA GLU C 273 2.67 -6.37 4.24
C GLU C 273 3.68 -6.83 5.30
N GLY C 274 3.25 -7.74 6.16
CA GLY C 274 4.11 -8.24 7.23
C GLY C 274 4.38 -9.74 7.14
N LYS C 275 3.32 -10.52 7.09
CA LYS C 275 3.46 -11.97 6.97
C LYS C 275 4.19 -12.35 5.69
N ALA C 276 3.63 -11.92 4.56
CA ALA C 276 4.24 -12.18 3.26
C ALA C 276 5.69 -11.71 3.22
N ALA D 24 11.88 -6.18 4.56
CA ALA D 24 12.25 -4.74 4.73
C ALA D 24 11.35 -4.02 5.73
N ASN D 25 11.93 -3.09 6.48
CA ASN D 25 11.15 -2.25 7.38
C ASN D 25 10.54 -1.07 6.63
N LEU D 26 9.26 -0.82 6.89
CA LEU D 26 8.55 0.27 6.24
C LEU D 26 8.00 1.25 7.27
N ILE D 27 7.92 2.52 6.89
CA ILE D 27 7.31 3.54 7.72
C ILE D 27 6.63 4.60 6.86
N SER D 28 5.34 4.79 7.06
CA SER D 28 4.57 5.73 6.27
C SER D 28 3.54 6.48 7.08
N PHE D 29 3.12 7.64 6.56
CA PHE D 29 2.01 8.40 7.09
C PHE D 29 1.48 9.36 6.03
N THR D 30 0.21 9.72 6.15
CA THR D 30 -0.43 10.69 5.27
C THR D 30 -1.14 11.73 6.12
N PHE D 31 -0.66 12.97 6.05
CA PHE D 31 -1.29 14.07 6.75
C PHE D 31 -2.03 14.99 5.78
N LYS D 32 -3.28 14.66 5.51
CA LYS D 32 -4.13 15.56 4.71
C LYS D 32 -4.72 16.67 5.59
N LYS D 33 -4.69 16.44 6.90
CA LYS D 33 -5.07 17.42 7.91
C LYS D 33 -4.09 17.27 9.07
N PHE D 34 -3.49 18.38 9.48
CA PHE D 34 -2.42 18.34 10.48
C PHE D 34 -2.91 18.30 11.93
N ASN D 35 -2.04 17.79 12.80
CA ASN D 35 -2.28 17.72 14.24
C ASN D 35 -0.98 18.00 15.02
N GLU D 36 -1.13 18.59 16.20
CA GLU D 36 0.01 18.91 17.06
C GLU D 36 0.59 17.67 17.74
N THR D 37 -0.25 16.65 17.91
CA THR D 37 0.07 15.46 18.71
C THR D 37 1.15 14.57 18.08
N ASN D 38 1.21 14.54 16.75
CA ASN D 38 2.18 13.71 16.04
C ASN D 38 3.25 14.51 15.31
N LEU D 39 3.54 15.71 15.83
CA LEU D 39 4.59 16.55 15.27
C LEU D 39 5.44 17.20 16.36
N ILE D 40 6.71 17.43 16.04
CA ILE D 40 7.62 18.16 16.92
C ILE D 40 7.66 19.61 16.45
N LEU D 41 6.93 20.47 17.16
CA LEU D 41 6.83 21.89 16.82
C LEU D 41 7.99 22.67 17.41
N GLN D 42 8.61 23.50 16.58
CA GLN D 42 9.71 24.35 17.05
C GLN D 42 9.50 25.82 16.69
N ARG D 43 9.79 26.67 17.66
CA ARG D 43 9.61 28.12 17.56
C ARG D 43 8.19 28.50 17.14
N ASP D 44 8.07 29.24 16.04
CA ASP D 44 6.80 29.87 15.64
C ASP D 44 5.81 28.95 14.93
N ALA D 45 6.26 27.76 14.55
CA ALA D 45 5.41 26.79 13.86
C ALA D 45 4.33 26.23 14.77
N THR D 46 3.08 26.25 14.30
CA THR D 46 1.94 25.69 15.02
C THR D 46 0.85 25.19 14.08
N VAL D 47 -0.01 24.31 14.58
CA VAL D 47 -1.15 23.83 13.82
C VAL D 47 -2.33 24.77 14.06
N SER D 48 -2.90 25.30 12.99
CA SER D 48 -4.04 26.21 13.08
C SER D 48 -5.13 25.85 12.06
N SER D 49 -6.27 25.40 12.59
CA SER D 49 -7.41 24.89 11.81
C SER D 49 -7.04 23.71 10.90
N GLY D 50 -6.18 22.83 11.40
CA GLY D 50 -5.78 21.62 10.69
C GLY D 50 -4.80 21.88 9.56
N LYS D 51 -4.08 22.99 9.66
CA LYS D 51 -3.05 23.35 8.70
C LYS D 51 -1.78 23.80 9.40
N LEU D 52 -0.63 23.44 8.84
CA LEU D 52 0.66 23.80 9.41
C LEU D 52 1.08 25.21 8.97
N ARG D 53 0.97 26.17 9.89
CA ARG D 53 1.49 27.51 9.66
C ARG D 53 2.87 27.65 10.28
N ILE D 54 3.89 27.51 9.44
CA ILE D 54 5.30 27.45 9.86
C ILE D 54 5.82 28.79 10.41
N THR D 55 5.45 29.88 9.74
CA THR D 55 5.76 31.22 10.25
C THR D 55 4.49 31.86 10.80
N LYS D 56 4.67 32.85 11.67
CA LYS D 56 3.54 33.51 12.35
C LYS D 56 2.65 34.26 11.37
N ALA D 57 1.33 34.20 11.64
CA ALA D 57 0.34 34.93 10.86
C ALA D 57 -0.82 35.32 11.76
N ALA D 58 -1.24 36.58 11.65
CA ALA D 58 -2.34 37.13 12.44
C ALA D 58 -3.66 36.43 12.17
N GLU D 59 -4.59 36.55 13.12
CA GLU D 59 -5.94 35.99 13.00
C GLU D 59 -6.65 36.42 11.72
N ASN D 60 -6.28 37.59 11.22
CA ASN D 60 -6.93 38.19 10.06
C ASN D 60 -6.22 37.86 8.74
N GLY D 61 -5.04 37.25 8.82
CA GLY D 61 -4.35 36.74 7.64
C GLY D 61 -2.93 37.22 7.40
N VAL D 62 -2.60 38.42 7.87
CA VAL D 62 -1.28 39.02 7.62
C VAL D 62 -0.15 38.34 8.39
N PRO D 63 0.86 37.85 7.64
CA PRO D 63 2.05 37.21 8.22
C PRO D 63 2.98 38.20 8.90
N THR D 64 3.72 37.72 9.90
CA THR D 64 4.69 38.53 10.62
C THR D 64 6.10 38.35 10.02
N ALA D 65 6.88 39.42 10.04
CA ALA D 65 8.26 39.39 9.56
C ALA D 65 9.21 38.89 10.65
N GLY D 66 10.36 38.40 10.21
CA GLY D 66 11.41 37.91 11.13
C GLY D 66 11.07 36.64 11.86
N SER D 67 10.20 35.82 11.27
CA SER D 67 9.77 34.57 11.89
C SER D 67 10.54 33.35 11.38
N LEU D 68 10.53 32.29 12.18
CA LEU D 68 11.11 30.99 11.83
C LEU D 68 10.24 29.90 12.45
N GLY D 69 10.00 28.84 11.69
CA GLY D 69 9.27 27.69 12.22
C GLY D 69 9.82 26.37 11.72
N ARG D 70 9.58 25.32 12.51
CA ARG D 70 10.02 23.97 12.17
C ARG D 70 8.97 22.95 12.60
N ALA D 71 8.80 21.90 11.80
CA ALA D 71 7.91 20.81 12.15
C ALA D 71 8.51 19.50 11.68
N PHE D 72 8.71 18.58 12.62
CA PHE D 72 9.25 17.26 12.31
C PHE D 72 8.35 16.17 12.87
N TYR D 73 8.29 15.06 12.16
CA TYR D 73 7.52 13.88 12.57
C TYR D 73 8.09 13.27 13.86
N SER D 74 7.20 12.68 14.66
CA SER D 74 7.55 12.23 16.02
C SER D 74 8.57 11.09 16.06
N THR D 75 8.40 10.11 15.17
CA THR D 75 9.30 8.95 15.14
C THR D 75 10.46 9.14 14.16
N PRO D 76 11.71 8.93 14.64
CA PRO D 76 12.90 8.98 13.81
C PRO D 76 12.87 7.95 12.70
N ILE D 77 13.44 8.30 11.55
CA ILE D 77 13.43 7.47 10.37
C ILE D 77 14.87 7.02 10.06
N GLN D 78 15.07 5.71 9.96
CA GLN D 78 16.38 5.16 9.65
C GLN D 78 16.70 5.31 8.18
N ILE D 79 17.65 6.21 7.88
CA ILE D 79 18.09 6.45 6.50
C ILE D 79 19.20 5.48 6.07
N TRP D 80 20.14 5.20 6.96
CA TRP D 80 21.18 4.21 6.67
C TRP D 80 21.56 3.39 7.90
N ASP D 81 22.02 2.16 7.66
CA ASP D 81 22.39 1.23 8.72
C ASP D 81 23.90 0.94 8.69
N ASN D 82 24.56 1.16 9.81
CA ASN D 82 26.02 1.12 9.92
C ASN D 82 26.68 -0.22 9.61
N THR D 83 26.20 -1.28 10.27
CA THR D 83 26.79 -2.61 10.16
C THR D 83 26.53 -3.28 8.81
N THR D 84 25.30 -3.14 8.30
CA THR D 84 24.90 -3.79 7.05
C THR D 84 25.28 -2.97 5.82
N GLY D 85 25.44 -1.66 6.02
CA GLY D 85 25.70 -0.73 4.93
C GLY D 85 24.42 -0.26 4.25
N THR D 86 23.36 -1.03 4.42
CA THR D 86 22.07 -0.81 3.75
C THR D 86 21.48 0.57 4.00
N VAL D 87 21.05 1.22 2.92
CA VAL D 87 20.51 2.58 2.94
C VAL D 87 19.04 2.59 2.53
N ALA D 88 18.25 3.49 3.12
CA ALA D 88 16.82 3.55 2.85
C ALA D 88 16.46 4.27 1.57
N SER D 89 15.35 3.85 0.96
CA SER D 89 14.72 4.59 -0.12
C SER D 89 13.47 5.24 0.44
N TRP D 90 13.31 6.54 0.20
CA TRP D 90 12.15 7.27 0.71
C TRP D 90 11.53 8.20 -0.32
N ALA D 91 10.25 8.50 -0.11
CA ALA D 91 9.54 9.45 -0.93
C ALA D 91 8.59 10.27 -0.05
N THR D 92 8.58 11.57 -0.27
CA THR D 92 7.65 12.46 0.44
C THR D 92 6.91 13.35 -0.55
N SER D 93 5.63 13.52 -0.31
CA SER D 93 4.80 14.41 -1.11
C SER D 93 4.07 15.40 -0.20
N PHE D 94 4.03 16.65 -0.61
CA PHE D 94 3.30 17.68 0.15
C PHE D 94 2.85 18.84 -0.71
N THR D 95 1.79 19.51 -0.26
CA THR D 95 1.28 20.70 -0.93
C THR D 95 1.48 21.89 0.00
N PHE D 96 2.07 22.95 -0.54
CA PHE D 96 2.28 24.18 0.23
C PHE D 96 1.71 25.43 -0.44
N ASN D 97 1.51 26.48 0.34
CA ASN D 97 0.96 27.72 -0.16
C ASN D 97 1.72 28.93 0.39
N LEU D 98 2.42 29.64 -0.50
CA LEU D 98 3.16 30.84 -0.12
C LEU D 98 2.45 32.10 -0.63
N GLN D 99 1.86 32.84 0.29
CA GLN D 99 1.11 34.04 -0.04
C GLN D 99 1.70 35.28 0.61
N ALA D 100 2.26 36.15 -0.23
CA ALA D 100 2.83 37.41 0.22
C ALA D 100 1.89 38.56 -0.13
N PRO D 101 1.63 39.46 0.83
CA PRO D 101 0.83 40.66 0.58
C PRO D 101 1.32 41.48 -0.62
N ASN D 102 2.64 41.45 -0.86
CA ASN D 102 3.25 42.15 -1.98
C ASN D 102 4.39 41.32 -2.59
N ALA D 103 4.38 41.20 -3.91
CA ALA D 103 5.38 40.40 -4.62
C ALA D 103 6.71 41.13 -4.79
N ALA D 104 6.71 42.44 -4.50
CA ALA D 104 7.92 43.25 -4.57
C ALA D 104 8.87 42.95 -3.41
N SER D 105 8.32 42.52 -2.27
CA SER D 105 9.12 42.18 -1.10
C SER D 105 8.76 40.82 -0.47
N PRO D 106 9.22 39.72 -1.10
CA PRO D 106 9.03 38.39 -0.53
C PRO D 106 10.31 37.79 0.07
N ALA D 107 10.16 37.07 1.18
CA ALA D 107 11.27 36.38 1.87
C ALA D 107 10.71 35.53 3.01
N ASP D 108 11.35 34.40 3.32
CA ASP D 108 12.54 33.90 2.62
C ASP D 108 12.26 32.62 1.85
N GLY D 109 11.49 31.71 2.45
CA GLY D 109 11.13 30.45 1.80
C GLY D 109 11.02 29.27 2.74
N LEU D 110 10.63 28.12 2.19
CA LEU D 110 10.49 26.89 2.95
C LEU D 110 11.33 25.75 2.39
N ALA D 111 11.60 24.76 3.22
CA ALA D 111 12.37 23.60 2.81
C ALA D 111 11.93 22.32 3.53
N PHE D 112 11.93 21.21 2.80
CA PHE D 112 11.85 19.89 3.41
C PHE D 112 13.26 19.46 3.75
N ALA D 113 13.51 19.16 5.01
CA ALA D 113 14.85 18.80 5.47
C ALA D 113 14.89 17.57 6.37
N LEU D 114 16.02 16.87 6.31
CA LEU D 114 16.31 15.77 7.21
C LEU D 114 17.46 16.21 8.12
N VAL D 115 17.22 16.14 9.43
CA VAL D 115 18.15 16.66 10.43
C VAL D 115 18.50 15.59 11.48
N PRO D 116 19.54 15.84 12.30
CA PRO D 116 19.79 14.99 13.49
C PRO D 116 18.57 14.91 14.40
N VAL D 117 18.56 13.92 15.30
CA VAL D 117 17.40 13.64 16.16
C VAL D 117 17.05 14.79 17.12
N GLY D 118 18.04 15.32 17.82
CA GLY D 118 17.81 16.42 18.76
C GLY D 118 18.07 17.80 18.18
N SER D 119 17.78 17.97 16.89
CA SER D 119 18.14 19.18 16.15
C SER D 119 17.28 20.39 16.48
N GLN D 120 17.95 21.45 16.94
CA GLN D 120 17.31 22.73 17.25
C GLN D 120 17.50 23.70 16.08
N PRO D 121 16.57 24.67 15.92
CA PRO D 121 16.63 25.63 14.81
C PRO D 121 17.90 26.46 14.79
N LYS D 122 18.47 26.64 13.60
CA LYS D 122 19.69 27.42 13.41
C LYS D 122 19.37 28.86 13.01
N ASP D 123 20.20 29.47 12.18
CA ASP D 123 20.01 30.88 11.81
C ASP D 123 18.79 31.10 10.91
N LYS D 124 18.03 32.15 11.21
CA LYS D 124 16.76 32.43 10.55
C LYS D 124 16.97 33.06 9.16
N GLY D 125 15.92 33.72 8.66
CA GLY D 125 16.00 34.49 7.41
C GLY D 125 16.47 33.68 6.21
N GLY D 126 17.61 34.08 5.66
CA GLY D 126 18.18 33.45 4.46
C GLY D 126 18.62 32.02 4.63
N PHE D 127 18.97 31.65 5.88
CA PHE D 127 19.45 30.31 6.19
C PHE D 127 18.31 29.34 6.53
N LEU D 128 17.08 29.84 6.43
CA LEU D 128 15.86 29.03 6.50
C LEU D 128 15.69 28.18 7.77
N GLY D 129 16.48 28.48 8.80
CA GLY D 129 16.44 27.74 10.07
C GLY D 129 17.15 26.41 10.02
N LEU D 130 17.94 26.20 8.99
CA LEU D 130 18.60 24.92 8.75
C LEU D 130 20.12 25.01 8.77
N PHE D 131 20.65 26.21 8.53
CA PHE D 131 22.10 26.42 8.46
C PHE D 131 22.53 27.70 9.17
N ASP D 132 23.85 27.89 9.29
CA ASP D 132 24.41 29.03 10.02
C ASP D 132 25.21 29.95 9.09
N SER D 133 26.14 29.37 8.34
CA SER D 133 26.98 30.13 7.41
C SER D 133 26.80 29.65 5.97
N LYS D 134 27.45 30.35 5.04
CA LYS D 134 27.41 29.97 3.63
C LYS D 134 28.42 28.87 3.26
N ASN D 135 29.40 28.64 4.13
CA ASN D 135 30.41 27.62 3.88
C ASN D 135 29.99 26.20 4.33
N TYR D 136 30.72 25.20 3.86
CA TYR D 136 30.41 23.82 4.20
C TYR D 136 30.83 23.49 5.62
N ALA D 137 29.85 23.08 6.42
CA ALA D 137 30.08 22.66 7.81
C ALA D 137 29.41 21.31 8.06
N SER D 138 30.22 20.33 8.44
CA SER D 138 29.77 18.95 8.66
C SER D 138 28.93 18.77 9.92
N SER D 139 29.15 19.62 10.92
CA SER D 139 28.44 19.55 12.20
C SER D 139 26.92 19.67 12.06
N ASN D 140 26.48 20.22 10.93
CA ASN D 140 25.05 20.37 10.64
C ASN D 140 24.34 19.03 10.43
N GLN D 141 24.93 18.19 9.58
CA GLN D 141 24.37 16.87 9.20
C GLN D 141 22.94 17.01 8.64
N THR D 142 22.74 17.99 7.76
CA THR D 142 21.42 18.34 7.27
C THR D 142 21.32 18.29 5.75
N VAL D 143 20.32 17.56 5.25
CA VAL D 143 20.03 17.50 3.82
C VAL D 143 18.64 18.12 3.60
N ALA D 144 18.58 19.14 2.76
CA ALA D 144 17.33 19.87 2.52
C ALA D 144 16.98 20.08 1.05
N VAL D 145 15.69 20.19 0.79
CA VAL D 145 15.20 20.63 -0.52
C VAL D 145 14.55 21.98 -0.31
N GLU D 146 15.28 23.04 -0.64
CA GLU D 146 14.79 24.40 -0.44
C GLU D 146 13.90 24.88 -1.59
N PHE D 147 12.91 25.69 -1.22
CA PHE D 147 12.07 26.38 -2.18
C PHE D 147 12.19 27.86 -1.83
N ASP D 148 13.11 28.52 -2.54
CA ASP D 148 13.67 29.80 -2.14
C ASP D 148 13.10 30.95 -2.95
N THR D 149 12.49 31.91 -2.25
CA THR D 149 11.81 33.04 -2.89
C THR D 149 12.56 34.37 -2.68
N PHE D 150 13.74 34.33 -2.09
CA PHE D 150 14.56 35.55 -1.94
C PHE D 150 16.00 35.38 -2.43
N TYR D 151 16.42 36.32 -3.28
CA TYR D 151 17.77 36.35 -3.84
C TYR D 151 18.79 36.83 -2.80
N ASN D 152 19.29 35.89 -2.01
CA ASN D 152 20.28 36.19 -0.96
C ASN D 152 21.70 36.39 -1.49
N GLY D 153 22.63 36.63 -0.57
CA GLY D 153 23.97 37.09 -0.88
C GLY D 153 24.95 36.11 -1.51
N GLY D 154 25.92 35.67 -0.71
CA GLY D 154 27.04 34.88 -1.21
C GLY D 154 26.72 33.43 -1.57
N TRP D 155 25.46 33.17 -1.92
CA TRP D 155 25.05 31.82 -2.29
C TRP D 155 24.04 31.69 -3.45
N ASP D 156 23.06 32.59 -3.53
CA ASP D 156 21.89 32.37 -4.39
C ASP D 156 22.06 32.63 -5.90
N PRO D 157 21.35 31.83 -6.74
CA PRO D 157 21.21 32.08 -8.18
C PRO D 157 20.19 33.18 -8.49
N THR D 158 20.20 33.68 -9.72
CA THR D 158 19.53 34.94 -10.09
C THR D 158 18.00 35.03 -9.95
N GLU D 159 17.31 33.89 -9.97
CA GLU D 159 15.85 33.89 -9.84
C GLU D 159 15.32 32.89 -8.81
N ARG D 160 14.00 32.88 -8.63
CA ARG D 160 13.31 31.90 -7.79
C ARG D 160 13.76 30.49 -8.19
N HIS D 161 14.02 29.64 -7.20
CA HIS D 161 14.68 28.37 -7.48
C HIS D 161 14.40 27.28 -6.46
N ILE D 162 14.30 26.04 -6.96
CA ILE D 162 14.38 24.85 -6.13
C ILE D 162 15.86 24.56 -5.94
N GLY D 163 16.22 24.03 -4.77
CA GLY D 163 17.61 23.73 -4.48
C GLY D 163 17.80 22.47 -3.65
N ILE D 164 18.99 21.88 -3.78
CA ILE D 164 19.38 20.74 -2.95
C ILE D 164 20.48 21.19 -2.00
N ASP D 165 20.16 21.24 -0.71
CA ASP D 165 21.05 21.76 0.31
C ASP D 165 21.76 20.62 1.03
N VAL D 166 23.07 20.55 0.86
CA VAL D 166 23.88 19.54 1.53
C VAL D 166 24.87 20.23 2.47
N ASN D 167 24.50 20.31 3.75
CA ASN D 167 25.31 20.94 4.79
C ASN D 167 25.74 22.39 4.51
N SER D 168 24.94 23.10 3.71
CA SER D 168 25.16 24.51 3.39
C SER D 168 23.90 25.14 2.81
N ILE D 169 23.76 26.45 3.01
CA ILE D 169 22.68 27.21 2.37
C ILE D 169 22.95 27.43 0.88
N LYS D 170 24.23 27.36 0.51
CA LYS D 170 24.63 27.35 -0.89
C LYS D 170 24.32 25.97 -1.46
N SER D 171 23.27 25.91 -2.28
CA SER D 171 22.79 24.65 -2.86
C SER D 171 23.78 24.13 -3.90
N ILE D 172 24.09 22.83 -3.84
CA ILE D 172 25.04 22.24 -4.79
C ILE D 172 24.48 22.16 -6.22
N LYS D 173 23.16 22.13 -6.34
CA LYS D 173 22.48 22.15 -7.63
C LYS D 173 21.11 22.80 -7.51
N THR D 174 20.83 23.76 -8.39
CA THR D 174 19.55 24.46 -8.42
C THR D 174 18.86 24.33 -9.78
N THR D 175 17.55 24.55 -9.79
CA THR D 175 16.78 24.71 -11.02
C THR D 175 15.87 25.93 -10.87
N SER D 176 15.42 26.48 -11.99
CA SER D 176 14.53 27.64 -11.99
C SER D 176 13.11 27.27 -11.55
N TRP D 177 12.46 28.22 -10.87
CA TRP D 177 11.12 27.99 -10.35
C TRP D 177 10.25 29.25 -10.49
N ASP D 178 9.39 29.24 -11.51
CA ASP D 178 8.47 30.34 -11.73
C ASP D 178 7.36 30.32 -10.68
N PHE D 179 7.61 31.04 -9.59
CA PHE D 179 6.72 31.02 -8.43
C PHE D 179 5.46 31.86 -8.68
N ALA D 180 4.32 31.29 -8.31
CA ALA D 180 3.03 31.98 -8.40
C ALA D 180 2.51 32.29 -7.00
N ASN D 181 2.36 33.58 -6.71
CA ASN D 181 1.96 34.06 -5.39
C ASN D 181 0.57 33.59 -4.95
N GLY D 182 0.52 32.80 -3.88
CA GLY D 182 -0.74 32.36 -3.29
C GLY D 182 -1.40 31.19 -4.00
N GLU D 183 -0.66 30.54 -4.90
CA GLU D 183 -1.15 29.36 -5.60
C GLU D 183 -0.50 28.13 -5.02
N ASN D 184 -1.29 27.07 -4.83
CA ASN D 184 -0.78 25.82 -4.27
C ASN D 184 0.33 25.22 -5.12
N ALA D 185 1.37 24.71 -4.45
CA ALA D 185 2.47 24.03 -5.14
C ALA D 185 2.54 22.57 -4.68
N GLU D 186 2.37 21.64 -5.62
CA GLU D 186 2.47 20.22 -5.31
C GLU D 186 3.91 19.75 -5.46
N VAL D 187 4.48 19.28 -4.36
CA VAL D 187 5.88 18.86 -4.32
C VAL D 187 6.02 17.36 -4.11
N LEU D 188 6.91 16.74 -4.89
CA LEU D 188 7.30 15.36 -4.67
C LEU D 188 8.83 15.27 -4.61
N ILE D 189 9.33 14.64 -3.55
CA ILE D 189 10.77 14.43 -3.39
C ILE D 189 11.01 12.94 -3.20
N THR D 190 12.02 12.41 -3.89
CA THR D 190 12.31 10.98 -3.86
C THR D 190 13.80 10.70 -3.69
N TYR D 191 14.14 9.61 -3.02
CA TYR D 191 15.53 9.16 -2.93
C TYR D 191 15.68 7.68 -3.24
N ASP D 192 16.32 7.40 -4.37
CA ASP D 192 16.57 6.03 -4.84
C ASP D 192 17.95 5.60 -4.36
N SER D 193 17.97 4.72 -3.36
CA SER D 193 19.22 4.27 -2.72
C SER D 193 20.23 3.63 -3.67
N SER D 194 19.74 2.81 -4.60
CA SER D 194 20.59 2.03 -5.51
C SER D 194 21.26 2.87 -6.60
N THR D 195 20.79 4.09 -6.80
CA THR D 195 21.43 5.03 -7.72
C THR D 195 21.90 6.29 -7.01
N ASN D 196 21.65 6.37 -5.70
CA ASN D 196 21.98 7.54 -4.87
C ASN D 196 21.30 8.84 -5.29
N LEU D 197 20.26 8.73 -6.12
CA LEU D 197 19.69 9.92 -6.73
C LEU D 197 18.56 10.52 -5.91
N LEU D 198 18.72 11.80 -5.57
CA LEU D 198 17.66 12.57 -4.95
C LEU D 198 17.03 13.44 -6.04
N VAL D 199 15.73 13.27 -6.23
CA VAL D 199 14.98 14.02 -7.25
C VAL D 199 13.88 14.81 -6.56
N ALA D 200 13.78 16.11 -6.90
CA ALA D 200 12.70 16.95 -6.37
C ALA D 200 11.92 17.63 -7.50
N SER D 201 10.60 17.61 -7.38
CA SER D 201 9.73 18.22 -8.37
C SER D 201 8.69 19.13 -7.71
N LEU D 202 8.32 20.20 -8.41
CA LEU D 202 7.27 21.12 -7.96
C LEU D 202 6.33 21.41 -9.12
N VAL D 203 5.03 21.33 -8.85
CA VAL D 203 4.02 21.59 -9.87
C VAL D 203 3.05 22.64 -9.35
N HIS D 204 2.85 23.71 -10.12
CA HIS D 204 1.75 24.64 -9.88
C HIS D 204 0.58 24.23 -10.78
N PRO D 205 -0.39 23.48 -10.22
CA PRO D 205 -1.47 22.93 -11.06
C PRO D 205 -2.41 23.99 -11.61
N SER D 206 -2.52 25.12 -10.91
CA SER D 206 -3.46 26.18 -11.26
C SER D 206 -3.08 26.91 -12.55
N GLN D 207 -1.79 26.87 -12.90
CA GLN D 207 -1.29 27.50 -14.13
C GLN D 207 -0.53 26.50 -15.02
N LYS D 208 -0.61 25.22 -14.65
CA LYS D 208 -0.11 24.11 -15.48
C LYS D 208 1.42 23.99 -15.58
N THR D 209 2.14 24.62 -14.65
CA THR D 209 3.61 24.69 -14.73
C THR D 209 4.30 23.62 -13.90
N SER D 210 5.43 23.12 -14.38
CA SER D 210 6.18 22.08 -13.68
C SER D 210 7.69 22.30 -13.74
N PHE D 211 8.38 21.91 -12.67
CA PHE D 211 9.81 22.17 -12.48
C PHE D 211 10.46 20.95 -11.84
N ILE D 212 11.72 20.67 -12.18
CA ILE D 212 12.42 19.48 -11.66
C ILE D 212 13.95 19.64 -11.57
N VAL D 213 14.53 19.04 -10.52
CA VAL D 213 15.99 18.99 -10.32
C VAL D 213 16.41 17.61 -9.77
N SER D 214 17.61 17.16 -10.13
CA SER D 214 18.12 15.87 -9.67
C SER D 214 19.63 15.88 -9.48
N GLU D 215 20.08 15.37 -8.33
CA GLU D 215 21.50 15.33 -7.99
C GLU D 215 21.81 14.19 -7.02
N ARG D 216 22.90 13.49 -7.28
CA ARG D 216 23.40 12.43 -6.39
C ARG D 216 23.91 13.02 -5.08
N VAL D 217 23.45 12.45 -3.96
CA VAL D 217 23.88 12.85 -2.63
C VAL D 217 24.17 11.62 -1.78
N ASP D 218 25.40 11.54 -1.26
CA ASP D 218 25.80 10.46 -0.37
C ASP D 218 25.34 10.77 1.05
N LEU D 219 24.27 10.09 1.47
CA LEU D 219 23.63 10.37 2.75
C LEU D 219 24.31 9.69 3.94
N THR D 220 25.13 8.68 3.64
CA THR D 220 25.91 7.99 4.67
C THR D 220 27.08 8.84 5.15
N SER D 221 27.54 9.73 4.26
CA SER D 221 28.58 10.71 4.58
C SER D 221 28.01 11.86 5.41
N VAL D 222 26.79 12.28 5.05
CA VAL D 222 26.18 13.48 5.61
C VAL D 222 25.28 13.19 6.81
N LEU D 223 24.21 12.43 6.58
CA LEU D 223 23.17 12.22 7.58
C LEU D 223 23.57 11.18 8.64
N PRO D 224 23.05 11.32 9.87
CA PRO D 224 23.20 10.28 10.87
C PRO D 224 22.33 9.06 10.50
N GLU D 225 22.52 7.94 11.18
CA GLU D 225 21.73 6.73 10.93
C GLU D 225 20.23 6.97 11.07
N TRP D 226 19.86 7.74 12.09
CA TRP D 226 18.47 8.11 12.34
C TRP D 226 18.26 9.60 12.11
N VAL D 227 17.20 9.93 11.38
CA VAL D 227 16.88 11.32 11.07
C VAL D 227 15.41 11.66 11.30
N SER D 228 15.16 12.89 11.74
CA SER D 228 13.81 13.43 11.83
C SER D 228 13.50 14.17 10.53
N VAL D 229 12.37 13.85 9.91
CA VAL D 229 11.98 14.51 8.66
C VAL D 229 10.83 15.49 8.88
N GLY D 230 10.78 16.51 8.03
CA GLY D 230 9.74 17.52 8.11
C GLY D 230 10.17 18.81 7.45
N PHE D 231 9.66 19.92 7.97
CA PHE D 231 9.77 21.21 7.31
C PHE D 231 10.49 22.27 8.15
N SER D 232 10.89 23.34 7.47
CA SER D 232 11.50 24.51 8.07
C SER D 232 11.32 25.70 7.14
N ALA D 233 10.78 26.79 7.66
CA ALA D 233 10.56 28.00 6.85
C ALA D 233 10.78 29.27 7.65
N THR D 234 11.08 30.36 6.93
CA THR D 234 11.36 31.66 7.53
C THR D 234 10.73 32.81 6.74
N THR D 235 10.37 33.88 7.45
CA THR D 235 10.00 35.14 6.81
C THR D 235 11.18 36.13 6.87
N GLY D 236 11.05 37.25 6.16
CA GLY D 236 12.15 38.20 5.99
C GLY D 236 12.64 38.90 7.25
N LEU D 237 13.95 39.12 7.31
CA LEU D 237 14.57 39.83 8.44
C LEU D 237 14.24 41.33 8.45
N SER D 238 13.67 41.81 7.34
CA SER D 238 13.12 43.17 7.28
C SER D 238 11.60 43.15 7.44
N LYS D 239 11.07 44.22 7.99
CA LYS D 239 9.66 44.33 8.40
C LYS D 239 8.65 44.21 7.25
N GLY D 240 9.08 44.55 6.04
CA GLY D 240 8.21 44.50 4.87
C GLY D 240 8.13 43.13 4.22
N TYR D 241 9.23 42.39 4.25
CA TYR D 241 9.36 41.13 3.51
C TYR D 241 8.63 39.97 4.19
N VAL D 242 7.31 39.93 4.01
CA VAL D 242 6.43 38.96 4.66
C VAL D 242 5.76 37.99 3.68
N GLU D 243 5.46 36.79 4.16
CA GLU D 243 4.71 35.79 3.39
C GLU D 243 4.15 34.70 4.32
N THR D 244 3.07 34.05 3.89
CA THR D 244 2.57 32.87 4.57
C THR D 244 3.43 31.68 4.16
N ASN D 245 3.82 30.88 5.14
CA ASN D 245 4.56 29.64 4.88
C ASN D 245 3.72 28.44 5.29
N GLU D 246 2.70 28.14 4.49
CA GLU D 246 1.72 27.10 4.83
C GLU D 246 1.99 25.77 4.15
N VAL D 247 1.71 24.69 4.89
CA VAL D 247 1.73 23.34 4.34
C VAL D 247 0.36 22.71 4.60
N LEU D 248 -0.36 22.39 3.53
CA LEU D 248 -1.75 21.94 3.64
C LEU D 248 -1.88 20.42 3.81
N SER D 249 -1.01 19.67 3.12
CA SER D 249 -0.98 18.22 3.26
C SER D 249 0.47 17.71 3.25
N TRP D 250 0.68 16.48 3.70
CA TRP D 250 2.03 15.89 3.77
C TRP D 250 2.00 14.38 3.92
N SER D 251 2.39 13.68 2.86
CA SER D 251 2.50 12.22 2.89
C SER D 251 3.97 11.81 2.75
N PHE D 252 4.33 10.70 3.38
CA PHE D 252 5.71 10.21 3.38
C PHE D 252 5.76 8.69 3.54
N ALA D 253 6.81 8.08 3.02
CA ALA D 253 7.10 6.66 3.20
C ALA D 253 8.60 6.40 3.10
N SER D 254 9.08 5.41 3.86
CA SER D 254 10.48 4.97 3.77
C SER D 254 10.55 3.45 3.74
N LYS D 255 11.59 2.92 3.09
CA LYS D 255 11.82 1.48 3.01
C LYS D 255 13.30 1.16 3.20
N LEU D 256 13.62 0.49 4.31
CA LEU D 256 14.99 0.03 4.57
C LEU D 256 15.02 -1.50 4.56
N SER D 257 15.85 -2.07 3.67
CA SER D 257 15.95 -3.52 3.53
C SER D 257 16.65 -4.19 4.72
N ILE D 258 16.46 -5.50 4.84
CA ILE D 258 16.99 -6.29 5.96
C ILE D 258 18.42 -6.82 5.70
N ASN D 259 18.62 -7.45 4.55
CA ASN D 259 19.93 -7.94 4.13
C ASN D 259 20.45 -7.16 2.91
N LYS D 260 20.63 -7.86 1.79
CA LYS D 260 21.14 -7.27 0.53
C LYS D 260 22.44 -6.50 0.71
N GLU D 264 13.65 -0.29 -4.38
CA GLU D 264 12.98 0.84 -5.02
C GLU D 264 11.50 0.88 -4.65
N ASN D 265 10.94 2.08 -4.60
CA ASN D 265 9.56 2.26 -4.15
C ASN D 265 8.57 2.54 -5.28
N LYS D 266 7.37 2.00 -5.14
CA LYS D 266 6.30 2.17 -6.12
C LYS D 266 5.69 3.56 -6.06
N LEU D 267 6.17 4.46 -6.92
CA LEU D 267 5.71 5.85 -6.93
C LEU D 267 4.24 5.95 -7.32
N ALA D 268 3.77 4.98 -8.10
CA ALA D 268 2.38 4.95 -8.55
C ALA D 268 1.42 5.01 -7.37
N ILE D 269 1.53 4.04 -6.47
CA ILE D 269 0.62 3.95 -5.33
C ILE D 269 0.81 5.08 -4.33
N PHE D 270 2.06 5.45 -4.08
CA PHE D 270 2.38 6.46 -3.08
C PHE D 270 1.74 7.81 -3.37
N ASN D 271 2.12 8.40 -4.50
CA ASN D 271 1.64 9.72 -4.88
C ASN D 271 0.11 9.82 -4.88
N LEU D 272 -0.55 8.68 -4.78
CA LEU D 272 -2.01 8.65 -4.74
C LEU D 272 -2.51 8.42 -3.31
N GLU D 273 -2.51 7.17 -2.87
CA GLU D 273 -2.93 6.83 -1.52
C GLU D 273 -2.61 7.99 -0.56
N GLY D 274 -1.44 8.57 -0.73
CA GLY D 274 -1.02 9.69 0.09
C GLY D 274 -1.40 11.03 -0.50
N LYS D 275 -0.77 11.39 -1.62
CA LYS D 275 -1.10 12.62 -2.31
C LYS D 275 -2.44 12.50 -3.03
N ALA D 276 -3.21 11.48 -2.64
CA ALA D 276 -4.51 11.23 -3.25
C ALA D 276 -4.88 9.75 -3.15
N9 ADE E . -4.20 -14.60 10.26
C8 ADE E . -3.44 -14.88 9.15
N7 ADE E . -4.16 -15.07 8.07
C5 ADE E . -5.46 -14.89 8.48
C6 ADE E . -6.71 -14.95 7.80
N6 ADE E . -6.83 -15.22 6.50
N1 ADE E . -7.83 -14.72 8.52
C2 ADE E . -7.71 -14.45 9.83
N3 ADE E . -6.61 -14.37 10.57
C4 ADE E . -5.50 -14.59 9.84
C1 GAL F . -27.35 -35.66 -5.02
C2 GAL F . -26.05 -34.86 -5.12
C3 GAL F . -25.87 -33.97 -3.88
C4 GAL F . -27.15 -33.20 -3.51
C5 GAL F . -28.39 -34.10 -3.60
C6 GAL F . -29.68 -33.31 -3.40
O1 GAL F . -27.53 -36.42 -6.21
O2 GAL F . -24.95 -35.75 -5.22
O3 GAL F . -24.82 -33.07 -4.09
O4 GAL F . -27.29 -32.08 -4.35
O5 GAL F . -28.44 -34.78 -4.85
O6 GAL F . -30.27 -33.69 -2.18
MN MN G . -17.11 -30.43 1.79
CA CA H . -20.88 -30.74 -0.05
C1 EDO I . -5.12 -1.34 -5.15
O1 EDO I . -3.93 -0.67 -4.74
C2 EDO I . -5.35 -2.53 -4.22
O2 EDO I . -6.72 -2.57 -3.82
N9 ADE J . 3.56 16.10 -8.64
C8 ADE J . 2.35 15.50 -8.86
N7 ADE J . 2.36 14.62 -9.83
C5 ADE J . 3.67 14.63 -10.27
C6 ADE J . 4.34 13.91 -11.29
N6 ADE J . 3.76 13.00 -12.07
N1 ADE J . 5.66 14.17 -11.48
C2 ADE J . 6.26 15.08 -10.69
N3 ADE J . 5.73 15.81 -9.71
C4 ADE J . 4.42 15.54 -9.55
C1 GAL K . 10.00 8.48 -42.02
C2 GAL K . 9.00 8.49 -40.87
C3 GAL K . 9.73 8.81 -39.56
C4 GAL K . 10.92 7.87 -39.37
C5 GAL K . 11.84 7.96 -40.59
C6 GAL K . 13.03 7.01 -40.46
O1 GAL K . 9.35 7.97 -43.16
O2 GAL K . 7.97 9.42 -41.10
O3 GAL K . 8.85 8.69 -38.47
O4 GAL K . 10.44 6.55 -39.21
O5 GAL K . 11.10 7.63 -41.75
O6 GAL K . 14.06 7.44 -41.31
MN MN L . 6.54 14.26 -31.06
CA CA M . 8.54 11.83 -33.91
C1 EDO N . 18.49 -9.75 -20.32
O1 EDO N . 18.02 -10.45 -19.16
C2 EDO N . 18.16 -10.56 -21.57
O2 EDO N . 18.12 -9.71 -22.72
C1 PEG O . 7.65 3.28 -47.41
O1 PEG O . 7.61 2.03 -46.72
C2 PEG O . 8.08 4.38 -46.43
O2 PEG O . 6.93 4.94 -45.78
C3 PEG O . 6.77 6.35 -45.92
C4 PEG O . 8.06 7.07 -46.31
O4 PEG O . 8.44 7.95 -45.25
N9 ADE P . -11.43 -10.71 9.68
C8 ADE P . -11.60 -9.38 9.95
N7 ADE P . -10.89 -8.96 10.97
C5 ADE P . -10.18 -10.07 11.39
C6 ADE P . -9.24 -10.30 12.42
N6 ADE P . -8.81 -9.37 13.26
N1 ADE P . -8.74 -11.55 12.55
C2 ADE P . -9.15 -12.50 11.71
N3 ADE P . -10.03 -12.41 10.71
C4 ADE P . -10.51 -11.17 10.59
C1 GAL Q . 0.57 -15.36 41.49
C2 GAL Q . -0.01 -14.18 40.70
C3 GAL Q . 0.01 -14.44 39.18
C4 GAL Q . 1.30 -15.10 38.70
C5 GAL Q . 1.68 -16.25 39.64
C6 GAL Q . 2.93 -16.99 39.19
O1 GAL Q . 0.73 -15.01 42.85
O2 GAL Q . -1.33 -13.96 41.10
O3 GAL Q . -0.17 -13.22 38.51
O4 GAL Q . 2.34 -14.14 38.67
O5 GAL Q . 1.83 -15.74 40.95
O6 GAL Q . 2.82 -18.32 39.63
MN MN R . -6.82 -13.51 31.25
CA CA S . -3.83 -14.46 33.78
C1 EDO T . 9.90 -12.62 41.65
O1 EDO T . 8.94 -12.85 42.69
C2 EDO T . 11.23 -13.21 42.05
O2 EDO T . 11.95 -13.62 40.89
C1 PEG U . 2.36 -3.02 42.84
O1 PEG U . 1.00 -3.30 42.49
C2 PEG U . 2.90 -1.92 41.92
O2 PEG U . 3.52 -2.52 40.78
C3 PEG U . 4.86 -2.04 40.59
C4 PEG U . 5.84 -3.20 40.79
O4 PEG U . 5.97 -3.47 42.18
N9 ADE V . 10.64 10.42 -10.78
C8 ADE V . 11.21 9.79 -9.71
N7 ADE V . 11.18 10.49 -8.60
C5 ADE V . 10.56 11.67 -8.96
C6 ADE V . 10.22 12.84 -8.25
N6 ADE V . 10.48 13.03 -6.94
N1 ADE V . 9.60 13.83 -8.92
C2 ADE V . 9.33 13.67 -10.22
N3 ADE V . 9.60 12.62 -11.00
C4 ADE V . 10.22 11.64 -10.31
C1 GAL W . 18.26 40.33 4.59
C2 GAL W . 18.33 38.81 4.80
C3 GAL W . 17.42 38.07 3.83
C4 GAL W . 16.04 38.70 3.67
C5 GAL W . 16.13 40.23 3.56
C6 GAL W . 14.77 40.90 3.57
O1 GAL W . 18.97 40.99 5.60
O2 GAL W . 19.65 38.37 4.63
O3 GAL W . 17.30 36.73 4.25
O4 GAL W . 15.22 38.35 4.77
O5 GAL W . 16.91 40.76 4.62
O6 GAL W . 14.93 42.29 3.44
MN MN X . 18.77 29.41 -2.45
CA CA Y . 17.55 32.90 -0.47
C1 EDO Z . 25.41 3.24 -6.73
O1 EDO Z . 24.72 4.34 -6.13
C2 EDO Z . 25.20 1.99 -5.90
O2 EDO Z . 24.75 0.93 -6.76
C1 EDO AA . -4.81 27.69 -5.32
O1 EDO AA . -4.31 27.57 -4.00
C2 EDO AA . -4.64 26.37 -6.06
O2 EDO AA . -3.47 26.43 -6.89
#